data_6O3F
#
_entry.id   6O3F
#
_cell.length_a   95.490
_cell.length_b   57.280
_cell.length_c   138.190
_cell.angle_alpha   90.000
_cell.angle_beta   95.190
_cell.angle_gamma   90.000
#
_symmetry.space_group_name_H-M   'P 1 21 1'
#
loop_
_entity.id
_entity.type
_entity.pdbx_description
1 polymer 'Lysine--tRNA ligase'
2 non-polymer ~{N}-[[4,4-bis(fluoranyl)-1-oxidanyl-cyclohexyl]methyl]-6-fluoranyl-4-oxidanylidene-chromene-2-carboxamide
3 non-polymer 1,2-ETHANEDIOL
4 non-polymer 'SULFATE ION'
5 non-polymer DI(HYDROXYETHYL)ETHER
6 non-polymer LYSINE
7 non-polymer 'TETRAETHYLENE GLYCOL'
8 water water
#
_entity_poly.entity_id   1
_entity_poly.type   'polypeptide(L)'
_entity_poly.pdbx_seq_one_letter_code
;MAHHHHHHMSVEVEYLQHEDYLYRTSKLKEIRDLGINPYPYQYTDCLEVQEIRNQFVDNELGDSEAAFRKETPKVRFAGR
LVLFRSMGKNAFGQILDNDAKIQVMFNRDFSAVAGLAADAGISPIKFIEKKLDLGDILGLEGYLFFTHSGELTVLVETVT
LLCKSLISLPDKHAGLADKEIRYRKRWADLISSEDVRKTFLTRSRILKLIREYMDQQSFLEVETPILQTVYGGAEATPFV
TTLQALHAEMFLRISLEIALKKLLVGGMSRVYEIGKVFRNEGIDRTHNPEFTMIEAYAAYWDYNDVMKCVENLVEYIVRA
LNNGETQVQYSHLKSGPQVVDFKAPWIRMTMKESISVYGGVDVDLHADHELRKILETQTSLPEKTYVHASRGELIALLFD
ELVCDKLIAPHHITDHPLETTPLCKTLRSGDETLVERFESFCLGKELCNAYSELNDPLQQRKLLEEQMRKKALNPDSEYH
PIDEEFLEALCQGMPPAGGFGIGIDRLVMMLTDAASIRDVLFFPVMRRI
;
_entity_poly.pdbx_strand_id   A,B
#
# COMPACT_ATOMS: atom_id res chain seq x y z
N GLU A 12 24.55 24.46 -5.17
CA GLU A 12 25.20 24.85 -6.40
C GLU A 12 24.68 24.03 -7.60
N VAL A 13 23.71 24.59 -8.32
CA VAL A 13 23.03 23.89 -9.42
C VAL A 13 23.83 24.09 -10.71
N GLU A 14 24.33 22.99 -11.27
CA GLU A 14 25.32 23.15 -12.32
C GLU A 14 24.69 23.35 -13.70
N TYR A 15 23.55 22.73 -13.99
CA TYR A 15 23.02 22.85 -15.35
C TYR A 15 22.56 24.27 -15.65
N LEU A 16 22.17 25.04 -14.64
CA LEU A 16 21.71 26.41 -14.87
C LEU A 16 22.82 27.32 -15.40
N GLN A 17 24.08 26.87 -15.38
CA GLN A 17 25.18 27.64 -15.93
C GLN A 17 25.80 26.99 -17.16
N HIS A 18 25.17 25.93 -17.69
CA HIS A 18 25.71 25.13 -18.78
C HIS A 18 25.26 25.69 -20.12
N GLU A 19 26.14 25.65 -21.12
CA GLU A 19 25.82 26.20 -22.44
C GLU A 19 24.51 25.65 -23.00
N ASP A 20 24.28 24.34 -22.86
CA ASP A 20 23.11 23.73 -23.51
C ASP A 20 21.80 24.11 -22.83
N TYR A 21 21.84 24.45 -21.54
CA TYR A 21 20.69 25.06 -20.90
C TYR A 21 20.37 26.42 -21.51
N LEU A 22 21.40 27.25 -21.70
CA LEU A 22 21.22 28.52 -22.40
C LEU A 22 20.70 28.31 -23.81
N TYR A 23 21.27 27.32 -24.51
CA TYR A 23 20.85 27.05 -25.88
C TYR A 23 19.35 26.75 -25.95
N ARG A 24 18.86 25.90 -25.06
CA ARG A 24 17.46 25.47 -25.16
C ARG A 24 16.49 26.53 -24.65
N THR A 25 16.80 27.16 -23.50
CA THR A 25 15.93 28.23 -23.00
C THR A 25 15.82 29.37 -24.00
N SER A 26 16.87 29.61 -24.79
CA SER A 26 16.81 30.63 -25.82
C SER A 26 15.67 30.38 -26.79
N LYS A 27 15.41 29.11 -27.10
CA LYS A 27 14.34 28.80 -28.04
C LYS A 27 12.95 29.14 -27.49
N LEU A 28 12.82 29.27 -26.17
CA LEU A 28 11.51 29.53 -25.56
C LEU A 28 10.89 30.82 -26.09
N LYS A 29 11.61 31.94 -26.00
CA LYS A 29 11.06 33.18 -26.54
C LYS A 29 10.89 33.08 -28.06
N GLU A 30 11.77 32.36 -28.74
CA GLU A 30 11.64 32.24 -30.19
C GLU A 30 10.38 31.49 -30.56
N ILE A 31 10.13 30.36 -29.91
CA ILE A 31 8.91 29.59 -30.17
C ILE A 31 7.68 30.42 -29.84
N ARG A 32 7.71 31.14 -28.72
CA ARG A 32 6.56 31.91 -28.30
C ARG A 32 6.30 33.08 -29.25
N ASP A 33 7.35 33.65 -29.83
CA ASP A 33 7.16 34.71 -30.80
C ASP A 33 6.60 34.21 -32.12
N LEU A 34 6.57 32.89 -32.32
CA LEU A 34 5.86 32.28 -33.42
C LEU A 34 4.41 31.96 -33.07
N GLY A 35 3.93 32.39 -31.90
CA GLY A 35 2.59 32.09 -31.47
C GLY A 35 2.36 30.68 -31.04
N ILE A 36 3.43 29.94 -30.73
CA ILE A 36 3.33 28.55 -30.31
C ILE A 36 3.57 28.47 -28.81
N ASN A 37 2.65 27.88 -28.07
CA ASN A 37 2.84 27.69 -26.63
C ASN A 37 3.74 26.48 -26.42
N PRO A 38 4.93 26.64 -25.80
CA PRO A 38 5.82 25.50 -25.59
C PRO A 38 5.40 24.57 -24.45
N TYR A 39 4.37 24.92 -23.67
CA TYR A 39 3.81 24.03 -22.64
C TYR A 39 2.28 24.07 -22.72
N PRO A 40 1.70 23.51 -23.78
CA PRO A 40 0.23 23.57 -23.94
C PRO A 40 -0.50 22.68 -22.94
N TYR A 41 -1.83 22.80 -22.98
CA TYR A 41 -2.65 22.31 -21.88
C TYR A 41 -3.02 20.84 -22.00
N GLN A 42 -3.06 20.28 -23.21
CA GLN A 42 -3.40 18.87 -23.39
C GLN A 42 -3.03 18.42 -24.80
N TYR A 43 -3.14 17.10 -25.02
CA TYR A 43 -3.08 16.49 -26.35
C TYR A 43 -4.13 15.38 -26.33
N THR A 44 -5.27 15.65 -26.94
CA THR A 44 -6.47 14.84 -26.83
C THR A 44 -6.45 13.67 -27.81
N ASP A 45 -7.40 12.74 -27.63
CA ASP A 45 -7.59 11.61 -28.54
C ASP A 45 -6.27 10.90 -28.82
N CYS A 46 -5.46 10.72 -27.78
CA CYS A 46 -4.08 10.33 -27.93
C CYS A 46 -3.95 8.84 -27.62
N LEU A 47 -3.47 8.07 -28.58
CA LEU A 47 -3.25 6.64 -28.41
C LEU A 47 -1.88 6.38 -27.81
N GLU A 48 -1.79 5.29 -27.05
CA GLU A 48 -0.49 4.81 -26.61
C GLU A 48 0.25 4.18 -27.80
N VAL A 49 1.57 4.35 -27.83
CA VAL A 49 2.34 3.78 -28.91
C VAL A 49 2.26 2.26 -28.89
N GLN A 50 2.38 1.68 -27.70
CA GLN A 50 2.23 0.23 -27.58
C GLN A 50 0.88 -0.24 -28.13
N GLU A 51 -0.18 0.55 -27.95
CA GLU A 51 -1.47 0.18 -28.50
C GLU A 51 -1.52 0.32 -30.01
N ILE A 52 -0.78 1.28 -30.57
CA ILE A 52 -0.67 1.35 -32.03
C ILE A 52 0.04 0.12 -32.57
N ARG A 53 1.14 -0.28 -31.92
CA ARG A 53 1.86 -1.46 -32.39
C ARG A 53 0.99 -2.70 -32.31
N ASN A 54 0.17 -2.79 -31.26
CA ASN A 54 -0.63 -3.99 -31.04
C ASN A 54 -1.64 -4.20 -32.15
N GLN A 55 -2.19 -3.12 -32.71
CA GLN A 55 -3.16 -3.29 -33.79
C GLN A 55 -2.49 -3.51 -35.14
N PHE A 56 -1.30 -2.95 -35.37
CA PHE A 56 -0.84 -2.77 -36.74
C PHE A 56 0.48 -3.40 -37.10
N VAL A 57 1.28 -3.91 -36.16
CA VAL A 57 2.55 -4.50 -36.56
C VAL A 57 2.31 -5.84 -37.26
N ASP A 58 1.48 -6.70 -36.67
CA ASP A 58 1.01 -7.90 -37.37
C ASP A 58 -0.20 -7.48 -38.20
N ASN A 59 0.10 -6.90 -39.37
CA ASN A 59 -0.92 -6.24 -40.17
C ASN A 59 -0.35 -5.89 -41.52
N GLU A 60 -1.13 -6.13 -42.57
CA GLU A 60 -0.82 -5.57 -43.88
C GLU A 60 -0.93 -4.06 -43.80
N LEU A 61 0.11 -3.38 -44.29
CA LEU A 61 0.18 -1.93 -44.20
C LEU A 61 0.91 -1.44 -45.42
N GLY A 62 0.59 -0.23 -45.85
CA GLY A 62 1.23 0.31 -47.03
C GLY A 62 2.69 0.66 -46.80
N ASP A 63 3.33 1.06 -47.91
CA ASP A 63 4.67 1.61 -47.88
C ASP A 63 4.59 3.14 -47.73
N SER A 64 5.75 3.82 -47.82
CA SER A 64 5.76 5.25 -47.56
C SER A 64 4.95 6.03 -48.58
N GLU A 65 4.85 5.53 -49.82
CA GLU A 65 4.08 6.25 -50.83
C GLU A 65 2.58 6.17 -50.54
N ALA A 66 2.12 5.02 -50.03
CA ALA A 66 0.72 4.93 -49.64
C ALA A 66 0.40 5.83 -48.46
N ALA A 67 1.38 6.08 -47.59
CA ALA A 67 1.16 7.01 -46.47
C ALA A 67 1.11 8.46 -46.95
N PHE A 68 2.01 8.84 -47.86
CA PHE A 68 1.88 10.11 -48.57
C PHE A 68 0.51 10.26 -49.21
N ARG A 69 -0.07 9.16 -49.70
CA ARG A 69 -1.40 9.19 -50.27
C ARG A 69 -2.49 9.22 -49.21
N LYS A 70 -2.13 9.23 -47.93
CA LYS A 70 -3.10 9.26 -46.84
C LYS A 70 -4.08 8.09 -46.92
N GLU A 71 -3.60 6.94 -47.40
CA GLU A 71 -4.41 5.75 -47.58
C GLU A 71 -4.22 4.70 -46.49
N THR A 72 -3.28 4.90 -45.60
CA THR A 72 -2.95 3.97 -44.52
C THR A 72 -3.62 4.42 -43.22
N PRO A 73 -3.59 3.60 -42.17
CA PRO A 73 -4.26 4.01 -40.93
C PRO A 73 -3.68 5.31 -40.38
N LYS A 74 -4.56 6.18 -39.89
CA LYS A 74 -4.16 7.45 -39.30
C LYS A 74 -4.20 7.33 -37.78
N VAL A 75 -3.16 7.81 -37.12
CA VAL A 75 -3.03 7.68 -35.67
C VAL A 75 -2.67 9.03 -35.06
N ARG A 76 -2.93 9.14 -33.76
CA ARG A 76 -2.49 10.25 -32.91
C ARG A 76 -1.77 9.65 -31.71
N PHE A 77 -0.62 10.20 -31.36
CA PHE A 77 0.15 9.70 -30.22
C PHE A 77 1.15 10.78 -29.81
N ALA A 78 1.88 10.48 -28.73
CA ALA A 78 2.75 11.47 -28.08
C ALA A 78 3.89 10.74 -27.36
N GLY A 79 4.97 11.46 -27.13
CA GLY A 79 6.13 10.87 -26.50
C GLY A 79 7.34 11.75 -26.73
N ARG A 80 8.49 11.23 -26.29
CA ARG A 80 9.72 12.02 -26.28
C ARG A 80 10.57 11.73 -27.51
N LEU A 81 10.94 12.79 -28.22
CA LEU A 81 11.88 12.67 -29.33
C LEU A 81 13.26 12.26 -28.80
N VAL A 82 13.72 11.08 -29.19
CA VAL A 82 14.99 10.56 -28.70
C VAL A 82 16.03 10.29 -29.79
N LEU A 83 15.65 10.31 -31.06
CA LEU A 83 16.60 10.27 -32.15
C LEU A 83 16.10 11.17 -33.27
N PHE A 84 17.03 11.76 -34.03
CA PHE A 84 16.62 12.64 -35.10
C PHE A 84 17.75 12.79 -36.10
N ARG A 85 17.41 12.70 -37.37
CA ARG A 85 18.39 12.80 -38.44
C ARG A 85 17.71 13.45 -39.63
N SER A 86 18.15 14.65 -40.00
CA SER A 86 17.62 15.27 -41.20
C SER A 86 18.29 14.66 -42.42
N MET A 87 17.53 14.54 -43.50
CA MET A 87 18.01 14.03 -44.78
C MET A 87 17.43 14.91 -45.89
N GLY A 88 17.82 16.18 -45.92
CA GLY A 88 17.29 17.09 -46.91
C GLY A 88 15.83 17.40 -46.67
N LYS A 89 14.97 17.10 -47.64
CA LYS A 89 13.55 17.38 -47.48
C LYS A 89 12.88 16.43 -46.50
N ASN A 90 13.53 15.32 -46.15
CA ASN A 90 13.00 14.36 -45.19
C ASN A 90 13.84 14.37 -43.93
N ALA A 91 13.20 14.05 -42.81
CA ALA A 91 13.89 13.83 -41.55
C ALA A 91 13.27 12.61 -40.89
N PHE A 92 14.09 11.90 -40.12
CA PHE A 92 13.61 10.70 -39.45
C PHE A 92 13.97 10.73 -37.97
N GLY A 93 13.03 10.27 -37.15
CA GLY A 93 13.19 10.31 -35.72
C GLY A 93 12.56 9.09 -35.05
N GLN A 94 12.81 9.01 -33.75
CA GLN A 94 12.27 7.95 -32.92
C GLN A 94 11.58 8.61 -31.74
N ILE A 95 10.33 8.19 -31.50
CA ILE A 95 9.53 8.70 -30.39
C ILE A 95 9.48 7.61 -29.33
N LEU A 96 9.69 7.99 -28.08
CA LEU A 96 9.64 7.07 -26.95
C LEU A 96 8.41 7.41 -26.11
N ASP A 97 7.49 6.44 -26.00
CA ASP A 97 6.25 6.62 -25.24
C ASP A 97 6.07 5.41 -24.33
N ASN A 98 6.46 5.57 -23.06
CA ASN A 98 6.07 4.63 -22.02
C ASN A 98 6.56 3.21 -22.37
N ASP A 99 7.88 3.11 -22.57
CA ASP A 99 8.66 1.90 -22.88
C ASP A 99 8.50 1.40 -24.31
N ALA A 100 7.65 2.01 -25.13
CA ALA A 100 7.56 1.65 -26.54
C ALA A 100 8.16 2.77 -27.41
N LYS A 101 8.75 2.37 -28.53
CA LYS A 101 9.35 3.27 -29.50
C LYS A 101 8.66 3.11 -30.84
N ILE A 102 8.56 4.20 -31.59
CA ILE A 102 8.08 4.15 -32.94
C ILE A 102 8.88 5.16 -33.74
N GLN A 103 9.13 4.84 -35.01
CA GLN A 103 9.88 5.73 -35.87
C GLN A 103 8.92 6.71 -36.52
N VAL A 104 9.38 7.95 -36.70
CA VAL A 104 8.59 8.99 -37.33
C VAL A 104 9.36 9.54 -38.53
N MET A 105 8.61 10.02 -39.53
CA MET A 105 9.18 10.65 -40.71
C MET A 105 8.50 11.99 -40.95
N PHE A 106 9.30 13.04 -41.00
CA PHE A 106 8.80 14.36 -41.37
C PHE A 106 9.18 14.66 -42.80
N ASN A 107 8.38 15.50 -43.45
CA ASN A 107 8.63 15.84 -44.85
C ASN A 107 8.23 17.29 -45.11
N ARG A 108 9.15 18.02 -45.76
CA ARG A 108 9.00 19.46 -46.00
C ARG A 108 7.62 19.81 -46.54
N ASP A 109 7.08 18.97 -47.43
CA ASP A 109 5.81 19.26 -48.06
C ASP A 109 4.61 18.67 -47.31
N PHE A 110 4.80 17.57 -46.57
CA PHE A 110 3.67 16.87 -45.97
C PHE A 110 3.39 17.32 -44.53
N SER A 111 4.40 17.75 -43.80
CA SER A 111 4.33 17.91 -42.35
C SER A 111 4.08 19.37 -41.96
N ALA A 112 3.14 19.59 -41.04
CA ALA A 112 2.86 20.92 -40.51
C ALA A 112 3.18 20.94 -39.02
N VAL A 113 3.53 22.13 -38.53
CA VAL A 113 3.75 22.36 -37.11
C VAL A 113 2.54 23.09 -36.55
N ALA A 114 1.85 22.46 -35.60
CA ALA A 114 0.67 23.05 -34.99
C ALA A 114 0.96 24.45 -34.49
N GLY A 115 0.13 25.42 -34.90
CA GLY A 115 0.30 26.78 -34.48
C GLY A 115 1.28 27.61 -35.30
N LEU A 116 2.05 26.98 -36.20
CA LEU A 116 2.98 27.71 -37.06
C LEU A 116 2.23 28.21 -38.29
N ALA A 117 2.31 29.52 -38.52
CA ALA A 117 1.61 30.17 -39.62
C ALA A 117 2.34 29.94 -40.95
N ALA A 118 1.58 30.04 -42.04
CA ALA A 118 2.21 30.02 -43.36
C ALA A 118 3.03 31.28 -43.59
N ASP A 119 2.54 32.42 -43.11
CA ASP A 119 3.26 33.69 -43.23
C ASP A 119 4.36 33.87 -42.19
N ALA A 120 4.55 32.90 -41.30
CA ALA A 120 5.70 32.95 -40.41
C ALA A 120 6.97 32.85 -41.23
N GLY A 121 8.08 33.29 -40.63
CA GLY A 121 9.30 33.40 -41.38
C GLY A 121 10.16 32.15 -41.37
N ILE A 122 9.57 31.02 -41.02
CA ILE A 122 10.28 29.76 -40.95
C ILE A 122 9.34 28.66 -41.45
N SER A 123 9.89 27.72 -42.20
CA SER A 123 9.09 26.63 -42.72
C SER A 123 8.85 25.58 -41.63
N PRO A 124 7.86 24.71 -41.81
CA PRO A 124 7.67 23.62 -40.84
C PRO A 124 8.90 22.73 -40.69
N ILE A 125 9.62 22.44 -41.78
CA ILE A 125 10.73 21.49 -41.66
C ILE A 125 11.91 22.14 -40.94
N LYS A 126 12.20 23.41 -41.26
CA LYS A 126 13.24 24.16 -40.55
C LYS A 126 12.89 24.35 -39.07
N PHE A 127 11.62 24.62 -38.75
CA PHE A 127 11.20 24.67 -37.36
C PHE A 127 11.56 23.40 -36.63
N ILE A 128 11.20 22.26 -37.22
CA ILE A 128 11.50 20.96 -36.63
C ILE A 128 13.00 20.79 -36.46
N GLU A 129 13.79 21.25 -37.44
CA GLU A 129 15.24 21.11 -37.32
C GLU A 129 15.80 22.10 -36.30
N LYS A 130 15.39 23.36 -36.38
CA LYS A 130 16.03 24.44 -35.63
C LYS A 130 15.42 24.65 -34.25
N LYS A 131 14.10 24.58 -34.11
CA LYS A 131 13.46 24.97 -32.85
C LYS A 131 13.18 23.80 -31.92
N LEU A 132 13.26 22.56 -32.41
CA LEU A 132 13.05 21.36 -31.60
C LEU A 132 14.38 20.72 -31.23
N ASP A 133 14.34 19.89 -30.18
CA ASP A 133 15.52 19.20 -29.70
C ASP A 133 15.15 17.77 -29.28
N LEU A 134 16.13 16.88 -29.45
CA LEU A 134 16.13 15.66 -28.66
C LEU A 134 15.78 16.00 -27.22
N GLY A 135 14.79 15.28 -26.69
CA GLY A 135 14.28 15.52 -25.36
C GLY A 135 12.89 16.12 -25.35
N ASP A 136 12.55 16.91 -26.36
CA ASP A 136 11.25 17.55 -26.39
C ASP A 136 10.16 16.49 -26.46
N ILE A 137 9.00 16.82 -25.92
CA ILE A 137 7.84 15.94 -25.97
C ILE A 137 6.91 16.48 -27.04
N LEU A 138 6.51 15.61 -27.96
CA LEU A 138 5.81 15.98 -29.16
C LEU A 138 4.50 15.23 -29.24
N GLY A 139 3.50 15.87 -29.84
CA GLY A 139 2.27 15.20 -30.25
C GLY A 139 2.31 14.99 -31.75
N LEU A 140 2.01 13.76 -32.17
CA LEU A 140 2.18 13.38 -33.56
C LEU A 140 0.90 12.80 -34.13
N GLU A 141 0.50 13.32 -35.27
CA GLU A 141 -0.64 12.82 -36.01
C GLU A 141 -0.17 12.56 -37.43
N GLY A 142 -0.51 11.39 -37.96
CA GLY A 142 -0.04 11.01 -39.28
C GLY A 142 -0.42 9.58 -39.59
N TYR A 143 0.19 9.07 -40.65
CA TYR A 143 -0.23 7.82 -41.30
C TYR A 143 0.84 6.75 -41.18
N LEU A 144 0.44 5.56 -40.77
CA LEU A 144 1.37 4.47 -40.54
C LEU A 144 1.88 3.90 -41.87
N PHE A 145 3.03 3.25 -41.81
CA PHE A 145 3.57 2.48 -42.93
C PHE A 145 4.78 1.70 -42.44
N PHE A 146 5.31 0.84 -43.31
CA PHE A 146 6.48 0.03 -43.03
C PHE A 146 7.66 0.50 -43.88
N THR A 147 8.84 0.63 -43.25
CA THR A 147 10.04 0.91 -44.03
C THR A 147 10.47 -0.33 -44.78
N HIS A 148 11.44 -0.17 -45.68
CA HIS A 148 11.89 -1.32 -46.45
C HIS A 148 12.37 -2.44 -45.55
N SER A 149 13.03 -2.10 -44.46
CA SER A 149 13.51 -3.07 -43.47
C SER A 149 12.42 -3.61 -42.56
N GLY A 150 11.18 -3.16 -42.70
CA GLY A 150 10.08 -3.67 -41.89
C GLY A 150 9.70 -2.84 -40.68
N GLU A 151 10.36 -1.71 -40.44
CA GLU A 151 10.12 -0.97 -39.22
C GLU A 151 8.83 -0.16 -39.33
N LEU A 152 7.98 -0.26 -38.32
CA LEU A 152 6.76 0.54 -38.29
C LEU A 152 7.08 2.03 -38.11
N THR A 153 6.53 2.86 -38.98
CA THR A 153 6.86 4.27 -39.03
C THR A 153 5.58 5.08 -39.25
N VAL A 154 5.59 6.32 -38.78
CA VAL A 154 4.49 7.25 -38.98
C VAL A 154 4.98 8.42 -39.82
N LEU A 155 4.35 8.64 -40.97
CA LEU A 155 4.55 9.87 -41.72
C LEU A 155 3.72 10.96 -41.06
N VAL A 156 4.38 11.97 -40.51
CA VAL A 156 3.72 12.93 -39.63
C VAL A 156 3.01 13.99 -40.46
N GLU A 157 1.69 14.11 -40.27
CA GLU A 157 0.94 15.21 -40.86
C GLU A 157 1.04 16.49 -40.02
N THR A 158 0.99 16.34 -38.69
CA THR A 158 1.04 17.49 -37.80
C THR A 158 1.82 17.11 -36.55
N VAL A 159 2.87 17.85 -36.26
CA VAL A 159 3.61 17.68 -35.02
C VAL A 159 3.23 18.83 -34.10
N THR A 160 2.94 18.50 -32.85
CA THR A 160 2.61 19.48 -31.82
C THR A 160 3.69 19.45 -30.74
N LEU A 161 4.29 20.61 -30.48
CA LEU A 161 5.21 20.72 -29.35
C LEU A 161 4.41 20.64 -28.07
N LEU A 162 4.65 19.59 -27.28
CA LEU A 162 3.91 19.41 -26.05
C LEU A 162 4.70 19.83 -24.83
N CYS A 163 6.02 19.78 -24.87
CA CYS A 163 6.85 20.28 -23.77
C CYS A 163 8.24 20.54 -24.30
N LYS A 164 8.71 21.79 -24.16
CA LYS A 164 10.06 22.17 -24.56
C LYS A 164 11.03 21.78 -23.46
N SER A 165 11.95 20.85 -23.75
CA SER A 165 12.89 20.41 -22.74
C SER A 165 14.10 21.34 -22.67
N LEU A 166 14.56 21.60 -21.46
CA LEU A 166 15.56 22.61 -21.21
C LEU A 166 16.92 22.03 -20.88
N ILE A 167 17.01 20.69 -20.77
CA ILE A 167 18.28 20.01 -20.73
C ILE A 167 18.19 18.84 -21.69
N SER A 168 19.34 18.24 -21.95
CA SER A 168 19.43 17.26 -23.01
C SER A 168 19.15 15.85 -22.49
N LEU A 169 18.98 14.94 -23.42
CA LEU A 169 18.82 13.54 -23.05
C LEU A 169 20.03 13.09 -22.25
N PRO A 170 19.84 12.22 -21.27
CA PRO A 170 21.01 11.72 -20.51
C PRO A 170 21.98 10.98 -21.41
N ASP A 171 23.26 11.07 -21.06
CA ASP A 171 24.31 10.41 -21.80
C ASP A 171 24.15 8.90 -21.76
N LYS A 172 24.40 8.24 -22.90
CA LYS A 172 24.18 6.79 -23.02
C LYS A 172 25.23 5.98 -22.28
N HIS A 173 26.46 6.50 -22.17
CA HIS A 173 27.53 5.84 -21.42
C HIS A 173 27.63 6.46 -20.03
N ALA A 174 26.97 5.83 -19.06
CA ALA A 174 27.06 6.26 -17.66
C ALA A 174 28.13 5.42 -16.95
N GLY A 175 29.03 6.08 -16.23
CA GLY A 175 30.03 5.40 -15.45
C GLY A 175 29.44 4.81 -14.19
N LEU A 176 30.32 4.55 -13.22
CA LEU A 176 29.82 4.23 -11.89
C LEU A 176 29.18 5.45 -11.24
N ALA A 177 29.81 6.62 -11.40
CA ALA A 177 29.30 7.86 -10.80
C ALA A 177 28.13 8.45 -11.58
N ASP A 178 28.17 8.35 -12.90
CA ASP A 178 27.05 8.83 -13.71
C ASP A 178 25.80 8.00 -13.46
N LYS A 179 25.97 6.69 -13.26
CA LYS A 179 24.83 5.85 -12.90
C LYS A 179 24.40 6.07 -11.45
N GLU A 180 25.35 6.36 -10.55
CA GLU A 180 24.99 6.59 -9.15
C GLU A 180 24.19 7.88 -8.96
N ILE A 181 24.43 8.90 -9.78
CA ILE A 181 23.58 10.08 -9.73
C ILE A 181 22.15 9.72 -10.15
N ARG A 182 22.01 8.72 -11.02
CA ARG A 182 20.71 8.34 -11.55
C ARG A 182 19.84 7.57 -10.56
N TYR A 183 20.42 7.01 -9.50
CA TYR A 183 19.59 6.46 -8.43
C TYR A 183 18.84 7.57 -7.70
N ARG A 184 19.40 8.77 -7.73
CA ARG A 184 18.68 9.96 -7.27
C ARG A 184 17.81 10.53 -8.38
N LYS A 185 18.42 10.82 -9.55
CA LYS A 185 17.73 11.43 -10.69
C LYS A 185 17.09 10.36 -11.58
N ARG A 186 16.13 9.64 -10.98
CA ARG A 186 15.64 8.39 -11.58
C ARG A 186 14.95 8.63 -12.91
N TRP A 187 14.35 9.80 -13.10
CA TRP A 187 13.74 10.12 -14.40
C TRP A 187 14.76 9.95 -15.52
N ALA A 188 16.01 10.35 -15.28
CA ALA A 188 17.03 10.20 -16.30
C ALA A 188 17.34 8.73 -16.56
N ASP A 189 17.38 7.92 -15.49
CA ASP A 189 17.57 6.48 -15.66
C ASP A 189 16.44 5.87 -16.50
N LEU A 190 15.20 6.26 -16.21
CA LEU A 190 14.05 5.70 -16.89
C LEU A 190 14.03 6.06 -18.36
N ILE A 191 14.54 7.24 -18.71
CA ILE A 191 14.55 7.68 -20.10
C ILE A 191 15.57 6.89 -20.90
N SER A 192 16.72 6.59 -20.31
CA SER A 192 17.86 6.07 -21.06
C SER A 192 18.09 4.58 -20.92
N SER A 193 17.32 3.85 -20.10
CA SER A 193 17.59 2.42 -19.92
C SER A 193 16.31 1.63 -20.03
N GLU A 194 16.22 0.81 -21.07
CA GLU A 194 15.10 -0.10 -21.22
C GLU A 194 15.06 -1.15 -20.12
N ASP A 195 16.23 -1.58 -19.63
CA ASP A 195 16.27 -2.55 -18.53
C ASP A 195 15.67 -1.97 -17.27
N VAL A 196 15.91 -0.69 -16.99
CA VAL A 196 15.32 -0.05 -15.81
C VAL A 196 13.82 0.12 -16.01
N ARG A 197 13.38 0.57 -17.19
CA ARG A 197 11.94 0.66 -17.43
C ARG A 197 11.26 -0.68 -17.21
N LYS A 198 11.83 -1.77 -17.76
CA LYS A 198 11.18 -3.07 -17.66
C LYS A 198 11.19 -3.59 -16.23
N THR A 199 12.25 -3.32 -15.49
CA THR A 199 12.31 -3.74 -14.10
C THR A 199 11.12 -3.18 -13.31
N PHE A 200 10.80 -1.90 -13.53
CA PHE A 200 9.77 -1.29 -12.72
C PHE A 200 8.37 -1.66 -13.19
N LEU A 201 8.19 -1.92 -14.49
CA LEU A 201 6.94 -2.46 -14.97
C LEU A 201 6.73 -3.87 -14.43
N THR A 202 7.80 -4.67 -14.38
CA THR A 202 7.68 -5.99 -13.80
C THR A 202 7.33 -5.89 -12.31
N ARG A 203 7.87 -4.89 -11.62
CA ARG A 203 7.55 -4.74 -10.21
C ARG A 203 6.06 -4.53 -10.01
N SER A 204 5.46 -3.66 -10.81
CA SER A 204 4.03 -3.38 -10.65
C SER A 204 3.21 -4.63 -10.95
N ARG A 205 3.60 -5.40 -11.98
CA ARG A 205 2.91 -6.66 -12.28
CA ARG A 205 2.90 -6.65 -12.26
C ARG A 205 2.98 -7.61 -11.09
N ILE A 206 4.17 -7.74 -10.49
CA ILE A 206 4.31 -8.62 -9.33
C ILE A 206 3.34 -8.24 -8.23
N LEU A 207 3.20 -6.94 -7.96
CA LEU A 207 2.29 -6.48 -6.91
C LEU A 207 0.84 -6.86 -7.23
N LYS A 208 0.42 -6.68 -8.49
CA LYS A 208 -0.94 -7.08 -8.86
C LYS A 208 -1.12 -8.59 -8.73
N LEU A 209 -0.07 -9.37 -9.00
CA LEU A 209 -0.16 -10.83 -8.92
C LEU A 209 -0.20 -11.32 -7.48
N ILE A 210 0.51 -10.65 -6.57
CA ILE A 210 0.40 -11.01 -5.16
C ILE A 210 -1.04 -10.81 -4.70
N ARG A 211 -1.64 -9.67 -5.04
CA ARG A 211 -3.01 -9.39 -4.62
C ARG A 211 -3.98 -10.40 -5.21
N GLU A 212 -3.85 -10.69 -6.51
CA GLU A 212 -4.72 -11.65 -7.15
C GLU A 212 -4.65 -13.00 -6.46
N TYR A 213 -3.44 -13.44 -6.12
CA TYR A 213 -3.29 -14.73 -5.49
C TYR A 213 -3.91 -14.75 -4.09
N MET A 214 -3.62 -13.73 -3.28
CA MET A 214 -4.11 -13.74 -1.90
C MET A 214 -5.62 -13.56 -1.87
N ASP A 215 -6.14 -12.70 -2.75
CA ASP A 215 -7.58 -12.51 -2.83
CA ASP A 215 -7.58 -12.52 -2.83
C ASP A 215 -8.28 -13.84 -3.16
N GLN A 216 -7.66 -14.66 -4.01
CA GLN A 216 -8.27 -15.92 -4.39
C GLN A 216 -8.17 -16.99 -3.32
N GLN A 217 -7.24 -16.87 -2.36
CA GLN A 217 -7.25 -17.70 -1.17
C GLN A 217 -8.14 -17.12 -0.07
N SER A 218 -8.94 -16.11 -0.39
CA SER A 218 -9.91 -15.52 0.53
C SER A 218 -9.26 -14.78 1.70
N PHE A 219 -8.06 -14.23 1.52
CA PHE A 219 -7.50 -13.24 2.44
C PHE A 219 -8.09 -11.86 2.15
N LEU A 220 -8.46 -11.15 3.22
CA LEU A 220 -8.92 -9.78 3.12
C LEU A 220 -7.73 -8.83 3.25
N GLU A 221 -7.60 -7.92 2.29
CA GLU A 221 -6.54 -6.92 2.42
C GLU A 221 -6.98 -5.82 3.40
N VAL A 222 -6.07 -5.45 4.31
CA VAL A 222 -6.34 -4.44 5.32
C VAL A 222 -5.14 -3.49 5.38
N GLU A 223 -5.38 -2.34 6.02
CA GLU A 223 -4.33 -1.39 6.35
C GLU A 223 -4.28 -1.21 7.87
N THR A 224 -3.09 -1.11 8.42
CA THR A 224 -2.88 -0.86 9.84
C THR A 224 -1.81 0.22 10.00
N PRO A 225 -1.74 0.87 11.17
CA PRO A 225 -1.00 2.14 11.23
C PRO A 225 0.51 1.95 11.14
N ILE A 226 1.15 2.91 10.48
CA ILE A 226 2.60 3.01 10.46
C ILE A 226 3.11 3.65 11.74
N LEU A 227 2.45 4.72 12.21
CA LEU A 227 2.81 5.42 13.44
C LEU A 227 2.13 4.78 14.66
N GLN A 228 2.94 4.31 15.60
CA GLN A 228 2.45 3.61 16.79
C GLN A 228 3.20 4.10 18.02
N THR A 229 2.63 3.81 19.20
CA THR A 229 3.26 4.09 20.47
C THR A 229 4.24 3.00 20.89
N VAL A 230 4.27 1.88 20.20
CA VAL A 230 5.19 0.78 20.43
C VAL A 230 5.78 0.35 19.10
N TYR A 231 6.72 -0.58 19.14
CA TYR A 231 7.17 -1.27 17.94
C TYR A 231 7.48 -2.71 18.30
N GLY A 232 7.37 -3.59 17.31
CA GLY A 232 7.70 -4.99 17.54
C GLY A 232 7.43 -5.85 16.31
N GLY A 233 7.53 -7.16 16.52
CA GLY A 233 7.32 -8.13 15.45
C GLY A 233 8.55 -8.38 14.60
N ALA A 234 9.70 -7.85 15.01
CA ALA A 234 10.98 -8.06 14.35
C ALA A 234 12.05 -7.56 15.29
N GLU A 235 13.31 -7.84 14.95
CA GLU A 235 14.47 -7.25 15.63
C GLU A 235 15.03 -6.14 14.75
N ALA A 236 14.79 -4.88 15.15
CA ALA A 236 15.31 -3.75 14.39
C ALA A 236 15.35 -2.51 15.26
N THR A 237 16.20 -1.59 14.87
CA THR A 237 16.15 -0.26 15.42
C THR A 237 15.02 0.52 14.77
N PRO A 238 14.17 1.19 15.54
CA PRO A 238 13.05 1.91 14.94
C PRO A 238 13.44 3.33 14.51
N PHE A 239 12.61 3.88 13.63
CA PHE A 239 12.57 5.32 13.47
C PHE A 239 11.63 5.92 14.51
N VAL A 240 11.97 7.12 14.97
CA VAL A 240 11.20 7.81 15.99
C VAL A 240 10.78 9.17 15.46
N THR A 241 9.54 9.56 15.71
CA THR A 241 9.08 10.89 15.34
C THR A 241 8.19 11.41 16.46
N THR A 242 7.74 12.65 16.31
CA THR A 242 6.94 13.35 17.33
C THR A 242 5.60 13.74 16.74
N LEU A 243 4.50 13.38 17.42
CA LEU A 243 3.16 13.74 17.01
C LEU A 243 2.75 15.00 17.79
N GLN A 244 2.65 16.12 17.07
CA GLN A 244 2.50 17.42 17.71
C GLN A 244 1.21 17.52 18.52
N ALA A 245 0.09 17.10 17.94
CA ALA A 245 -1.21 17.27 18.60
C ALA A 245 -1.24 16.67 20.01
N LEU A 246 -0.53 15.57 20.24
CA LEU A 246 -0.52 14.91 21.55
C LEU A 246 0.78 15.12 22.31
N HIS A 247 1.72 15.91 21.78
CA HIS A 247 3.08 16.03 22.32
C HIS A 247 3.68 14.66 22.66
N ALA A 248 3.53 13.72 21.74
CA ALA A 248 3.83 12.32 21.99
C ALA A 248 4.90 11.81 21.03
N GLU A 249 5.82 11.02 21.57
CA GLU A 249 6.81 10.32 20.77
C GLU A 249 6.17 9.08 20.15
N MET A 250 6.40 8.87 18.86
CA MET A 250 5.86 7.73 18.12
C MET A 250 6.98 6.98 17.43
N PHE A 251 6.73 5.71 17.16
CA PHE A 251 7.62 4.89 16.37
C PHE A 251 6.95 4.59 15.04
N LEU A 252 7.78 4.47 13.99
CA LEU A 252 7.34 3.93 12.71
C LEU A 252 7.46 2.42 12.78
N ARG A 253 6.44 1.71 12.28
CA ARG A 253 6.39 0.26 12.43
C ARG A 253 7.60 -0.40 11.79
N ILE A 254 8.09 -1.44 12.46
CA ILE A 254 9.16 -2.26 11.89
C ILE A 254 8.63 -3.53 11.26
N SER A 255 7.36 -3.88 11.52
CA SER A 255 6.69 -5.03 10.88
C SER A 255 5.19 -4.80 10.94
N LEU A 256 4.42 -5.80 10.55
CA LEU A 256 2.97 -5.72 10.50
C LEU A 256 2.30 -6.64 11.50
N GLU A 257 3.08 -7.42 12.26
CA GLU A 257 2.60 -8.67 12.85
C GLU A 257 1.57 -8.44 13.97
N ILE A 258 1.88 -7.54 14.90
CA ILE A 258 1.03 -7.39 16.09
C ILE A 258 -0.35 -6.88 15.69
N ALA A 259 -0.39 -5.89 14.81
CA ALA A 259 -1.67 -5.32 14.40
C ALA A 259 -2.55 -6.36 13.71
N LEU A 260 -1.96 -7.21 12.86
CA LEU A 260 -2.75 -8.22 12.15
C LEU A 260 -3.24 -9.32 13.11
N LYS A 261 -2.38 -9.75 14.04
CA LYS A 261 -2.80 -10.72 15.05
C LYS A 261 -3.99 -10.20 15.86
N LYS A 262 -4.02 -8.90 16.15
CA LYS A 262 -5.19 -8.36 16.81
C LYS A 262 -6.43 -8.53 15.95
N LEU A 263 -6.28 -8.43 14.63
CA LEU A 263 -7.40 -8.64 13.73
C LEU A 263 -7.89 -10.09 13.72
N LEU A 264 -6.99 -11.05 13.95
CA LEU A 264 -7.43 -12.44 14.07
C LEU A 264 -8.21 -12.65 15.36
N VAL A 265 -7.74 -12.08 16.48
CA VAL A 265 -8.52 -12.09 17.71
C VAL A 265 -9.92 -11.54 17.47
N GLY A 266 -10.03 -10.51 16.64
CA GLY A 266 -11.31 -9.91 16.29
C GLY A 266 -12.22 -10.79 15.46
N GLY A 267 -11.76 -11.98 15.07
CA GLY A 267 -12.58 -12.87 14.28
C GLY A 267 -12.39 -12.79 12.79
N MET A 268 -11.43 -12.02 12.31
CA MET A 268 -11.11 -12.01 10.88
C MET A 268 -10.22 -13.21 10.58
N SER A 269 -10.68 -14.09 9.70
CA SER A 269 -10.00 -15.38 9.53
C SER A 269 -8.74 -15.25 8.69
N ARG A 270 -8.78 -14.43 7.65
CA ARG A 270 -7.66 -14.35 6.73
C ARG A 270 -7.43 -12.89 6.35
N VAL A 271 -6.30 -12.35 6.79
CA VAL A 271 -5.95 -10.97 6.50
C VAL A 271 -4.54 -10.91 5.95
N TYR A 272 -4.29 -9.93 5.10
CA TYR A 272 -2.95 -9.57 4.72
C TYR A 272 -2.86 -8.06 4.56
N GLU A 273 -1.65 -7.56 4.61
CA GLU A 273 -1.36 -6.16 4.37
C GLU A 273 -0.09 -6.08 3.52
N ILE A 274 -0.08 -5.19 2.55
CA ILE A 274 1.12 -4.87 1.78
C ILE A 274 1.45 -3.41 2.07
N GLY A 275 2.62 -3.16 2.65
CA GLY A 275 2.96 -1.78 2.91
C GLY A 275 4.39 -1.63 3.38
N LYS A 276 4.75 -0.38 3.61
CA LYS A 276 6.10 -0.04 4.01
C LYS A 276 6.34 -0.32 5.48
N VAL A 277 7.54 -0.80 5.76
CA VAL A 277 8.06 -0.86 7.12
C VAL A 277 9.39 -0.10 7.12
N PHE A 278 9.89 0.18 8.33
CA PHE A 278 11.03 1.08 8.50
C PHE A 278 11.96 0.48 9.54
N ARG A 279 13.15 0.10 9.10
CA ARG A 279 14.17 -0.39 10.02
C ARG A 279 15.37 0.53 9.89
N ASN A 280 15.72 1.18 11.01
CA ASN A 280 16.71 2.25 11.06
C ASN A 280 18.12 1.67 11.11
N GLU A 281 18.49 0.98 10.05
CA GLU A 281 19.70 0.17 10.00
C GLU A 281 20.63 0.70 8.92
N GLY A 282 21.67 -0.06 8.64
CA GLY A 282 22.58 0.28 7.58
C GLY A 282 22.02 -0.06 6.20
N ILE A 283 22.68 0.50 5.20
CA ILE A 283 22.28 0.44 3.80
C ILE A 283 23.29 -0.39 3.04
N ASP A 284 22.81 -1.27 2.16
CA ASP A 284 23.67 -2.05 1.27
C ASP A 284 22.78 -2.64 0.17
N ARG A 285 23.36 -3.56 -0.61
CA ARG A 285 22.69 -4.11 -1.79
C ARG A 285 21.40 -4.85 -1.44
N THR A 286 21.20 -5.23 -0.17
CA THR A 286 19.95 -5.87 0.23
C THR A 286 19.25 -5.18 1.41
N HIS A 287 19.57 -3.89 1.66
CA HIS A 287 18.94 -3.18 2.78
C HIS A 287 18.72 -1.71 2.44
N ASN A 288 17.46 -1.30 2.50
CA ASN A 288 17.05 0.09 2.38
C ASN A 288 16.18 0.35 3.60
N PRO A 289 16.43 1.42 4.36
CA PRO A 289 15.71 1.58 5.65
C PRO A 289 14.20 1.55 5.52
N GLU A 290 13.65 1.92 4.36
CA GLU A 290 12.23 1.82 4.07
C GLU A 290 12.02 0.74 3.03
N PHE A 291 11.16 -0.24 3.30
CA PHE A 291 10.98 -1.29 2.31
C PHE A 291 9.59 -1.89 2.44
N THR A 292 9.17 -2.58 1.38
CA THR A 292 7.82 -3.09 1.28
C THR A 292 7.77 -4.57 1.64
N MET A 293 6.84 -4.92 2.51
CA MET A 293 6.62 -6.33 2.81
C MET A 293 5.13 -6.63 2.81
N ILE A 294 4.81 -7.90 2.62
CA ILE A 294 3.47 -8.41 2.89
C ILE A 294 3.55 -9.30 4.12
N GLU A 295 2.58 -9.16 5.01
CA GLU A 295 2.33 -10.17 6.02
C GLU A 295 0.91 -10.67 5.84
N ALA A 296 0.73 -11.97 6.05
CA ALA A 296 -0.55 -12.63 5.86
C ALA A 296 -0.73 -13.63 6.97
N TYR A 297 -1.95 -13.69 7.51
CA TYR A 297 -2.27 -14.61 8.59
C TYR A 297 -3.54 -15.36 8.26
N ALA A 298 -3.53 -16.67 8.50
CA ALA A 298 -4.71 -17.51 8.29
C ALA A 298 -5.00 -18.29 9.56
N ALA A 299 -6.19 -18.10 10.11
CA ALA A 299 -6.59 -18.89 11.26
C ALA A 299 -6.68 -20.35 10.88
N TYR A 300 -6.31 -21.22 11.83
CA TYR A 300 -6.38 -22.67 11.80
C TYR A 300 -5.27 -23.30 10.95
N TRP A 301 -4.35 -22.52 10.35
CA TRP A 301 -3.18 -23.07 9.69
C TRP A 301 -2.01 -23.20 10.66
N ASP A 302 -1.03 -23.98 10.24
CA ASP A 302 0.28 -24.06 10.88
C ASP A 302 1.37 -23.73 9.86
N TYR A 303 2.63 -23.88 10.27
CA TYR A 303 3.70 -23.44 9.38
C TYR A 303 3.82 -24.31 8.14
N ASN A 304 3.33 -25.54 8.18
CA ASN A 304 3.32 -26.38 6.99
C ASN A 304 2.31 -25.89 5.94
N ASP A 305 1.12 -25.47 6.38
CA ASP A 305 0.20 -24.81 5.45
C ASP A 305 0.82 -23.54 4.86
N VAL A 306 1.41 -22.71 5.73
CA VAL A 306 2.00 -21.47 5.26
C VAL A 306 3.10 -21.75 4.25
N MET A 307 3.87 -22.82 4.48
CA MET A 307 4.95 -23.18 3.58
C MET A 307 4.43 -23.51 2.18
N LYS A 308 3.36 -24.29 2.10
CA LYS A 308 2.76 -24.55 0.80
C LYS A 308 2.25 -23.25 0.18
N CYS A 309 1.62 -22.40 0.99
CA CYS A 309 1.06 -21.15 0.46
C CYS A 309 2.14 -20.26 -0.12
N VAL A 310 3.29 -20.17 0.57
CA VAL A 310 4.36 -19.28 0.13
C VAL A 310 4.96 -19.75 -1.19
N GLU A 311 5.25 -21.04 -1.30
CA GLU A 311 5.91 -21.53 -2.50
C GLU A 311 4.95 -21.52 -3.68
N ASN A 312 3.65 -21.74 -3.41
CA ASN A 312 2.66 -21.68 -4.47
C ASN A 312 2.46 -20.25 -4.97
N LEU A 313 2.49 -19.28 -4.04
CA LEU A 313 2.41 -17.87 -4.42
C LEU A 313 3.56 -17.47 -5.34
N VAL A 314 4.80 -17.76 -4.91
CA VAL A 314 5.95 -17.35 -5.71
C VAL A 314 5.99 -18.08 -7.04
N GLU A 315 5.69 -19.40 -7.03
CA GLU A 315 5.66 -20.14 -8.29
C GLU A 315 4.62 -19.55 -9.24
N TYR A 316 3.47 -19.16 -8.71
CA TYR A 316 2.44 -18.51 -9.51
C TYR A 316 2.97 -17.23 -10.16
N ILE A 317 3.64 -16.37 -9.37
CA ILE A 317 4.16 -15.11 -9.90
C ILE A 317 5.18 -15.37 -11.00
N VAL A 318 6.13 -16.27 -10.74
CA VAL A 318 7.15 -16.59 -11.73
C VAL A 318 6.52 -17.16 -13.00
N ARG A 319 5.58 -18.09 -12.83
CA ARG A 319 4.93 -18.66 -14.00
C ARG A 319 4.19 -17.57 -14.79
N ALA A 320 3.50 -16.65 -14.10
CA ALA A 320 2.75 -15.64 -14.82
C ALA A 320 3.65 -14.66 -15.56
N LEU A 321 4.88 -14.45 -15.09
CA LEU A 321 5.80 -13.50 -15.67
C LEU A 321 6.70 -14.09 -16.75
N ASN A 322 6.75 -15.41 -16.88
CA ASN A 322 7.69 -16.04 -17.77
C ASN A 322 7.02 -17.08 -18.65
N ASN A 323 5.80 -16.78 -19.12
CA ASN A 323 5.10 -17.63 -20.08
C ASN A 323 4.99 -19.07 -19.58
N GLY A 324 4.77 -19.21 -18.27
CA GLY A 324 4.56 -20.49 -17.67
C GLY A 324 5.81 -21.22 -17.23
N GLU A 325 6.99 -20.65 -17.43
CA GLU A 325 8.22 -21.25 -16.91
C GLU A 325 8.33 -21.00 -15.41
N THR A 326 9.15 -21.82 -14.74
CA THR A 326 9.46 -21.61 -13.34
C THR A 326 10.92 -21.28 -13.09
N GLN A 327 11.77 -21.40 -14.12
CA GLN A 327 13.19 -21.11 -14.01
C GLN A 327 13.46 -19.66 -14.38
N VAL A 328 14.47 -19.09 -13.72
CA VAL A 328 14.77 -17.67 -13.81
C VAL A 328 16.28 -17.52 -13.79
N GLN A 329 16.78 -16.56 -14.57
CA GLN A 329 18.20 -16.27 -14.60
C GLN A 329 18.54 -15.16 -13.59
N TYR A 330 19.60 -15.36 -12.82
CA TYR A 330 20.14 -14.32 -11.94
C TYR A 330 21.64 -14.26 -12.13
N SER A 331 22.18 -13.06 -12.37
CA SER A 331 23.52 -12.89 -12.92
C SER A 331 24.57 -12.44 -11.92
N HIS A 332 24.19 -12.01 -10.72
CA HIS A 332 25.07 -11.15 -9.94
C HIS A 332 25.74 -11.81 -8.75
N LEU A 333 25.53 -13.10 -8.51
CA LEU A 333 26.20 -13.76 -7.40
C LEU A 333 27.70 -13.90 -7.68
N LYS A 334 28.49 -13.92 -6.60
CA LYS A 334 29.93 -14.11 -6.74
C LYS A 334 30.24 -15.38 -7.50
N SER A 335 29.48 -16.45 -7.26
CA SER A 335 29.66 -17.73 -7.93
C SER A 335 29.41 -17.68 -9.43
N GLY A 336 29.05 -16.55 -10.02
CA GLY A 336 28.74 -16.51 -11.45
C GLY A 336 27.26 -16.65 -11.73
N PRO A 337 26.88 -16.53 -13.01
CA PRO A 337 25.45 -16.50 -13.38
C PRO A 337 24.78 -17.84 -13.10
N GLN A 338 23.66 -17.79 -12.38
CA GLN A 338 22.91 -18.97 -11.96
C GLN A 338 21.56 -19.02 -12.64
N VAL A 339 20.94 -20.20 -12.54
CA VAL A 339 19.54 -20.39 -12.91
C VAL A 339 18.88 -21.05 -11.71
N VAL A 340 17.82 -20.43 -11.19
CA VAL A 340 17.10 -20.97 -10.03
C VAL A 340 15.69 -21.30 -10.47
N ASP A 341 15.20 -22.43 -9.98
CA ASP A 341 13.88 -22.95 -10.32
C ASP A 341 12.95 -22.73 -9.15
N PHE A 342 11.92 -21.91 -9.34
CA PHE A 342 10.95 -21.67 -8.28
C PHE A 342 9.80 -22.66 -8.27
N LYS A 343 9.90 -23.76 -9.03
CA LYS A 343 8.85 -24.77 -9.02
C LYS A 343 8.68 -25.36 -7.61
N ALA A 344 7.41 -25.45 -7.16
CA ALA A 344 7.03 -26.04 -5.88
C ALA A 344 6.98 -27.57 -5.99
N PRO A 345 7.27 -28.30 -4.88
CA PRO A 345 7.64 -27.78 -3.57
C PRO A 345 9.12 -27.45 -3.49
N TRP A 346 9.48 -26.41 -2.75
CA TRP A 346 10.88 -26.08 -2.60
C TRP A 346 11.56 -27.08 -1.67
N ILE A 347 12.90 -27.13 -1.76
CA ILE A 347 13.70 -27.92 -0.83
C ILE A 347 13.35 -27.55 0.59
N ARG A 348 13.09 -28.55 1.42
CA ARG A 348 12.73 -28.34 2.81
C ARG A 348 13.75 -29.05 3.70
N MET A 349 14.40 -28.28 4.58
CA MET A 349 15.31 -28.82 5.59
C MET A 349 15.12 -28.10 6.91
N THR A 350 15.33 -28.82 8.00
CA THR A 350 15.55 -28.18 9.29
C THR A 350 16.87 -27.39 9.28
N MET A 351 16.96 -26.45 10.23
CA MET A 351 18.21 -25.72 10.40
C MET A 351 19.36 -26.67 10.71
N LYS A 352 19.12 -27.70 11.52
CA LYS A 352 20.19 -28.63 11.85
C LYS A 352 20.62 -29.44 10.63
N GLU A 353 19.67 -29.89 9.80
CA GLU A 353 20.06 -30.57 8.57
C GLU A 353 20.91 -29.67 7.69
N SER A 354 20.52 -28.41 7.55
CA SER A 354 21.24 -27.52 6.64
C SER A 354 22.64 -27.26 7.14
N ILE A 355 22.84 -27.22 8.46
CA ILE A 355 24.18 -27.05 8.98
C ILE A 355 25.00 -28.30 8.73
N SER A 356 24.36 -29.48 8.72
CA SER A 356 25.09 -30.69 8.36
C SER A 356 25.35 -30.74 6.86
N VAL A 357 24.33 -30.49 6.06
CA VAL A 357 24.46 -30.68 4.60
C VAL A 357 25.38 -29.64 3.99
N TYR A 358 25.19 -28.36 4.36
CA TYR A 358 25.99 -27.29 3.77
C TYR A 358 27.14 -26.82 4.67
N GLY A 359 27.07 -27.05 5.97
CA GLY A 359 28.13 -26.53 6.83
C GLY A 359 29.17 -27.55 7.23
N GLY A 360 28.83 -28.84 7.14
CA GLY A 360 29.73 -29.89 7.56
C GLY A 360 29.71 -30.21 9.04
N VAL A 361 28.71 -29.72 9.79
CA VAL A 361 28.65 -29.85 11.23
C VAL A 361 27.35 -30.54 11.62
N ASP A 362 27.46 -31.70 12.25
CA ASP A 362 26.30 -32.34 12.89
C ASP A 362 26.20 -31.75 14.30
N VAL A 363 25.31 -30.75 14.49
CA VAL A 363 25.38 -29.97 15.72
C VAL A 363 25.11 -30.83 16.94
N ASP A 364 24.20 -31.80 16.83
CA ASP A 364 23.86 -32.58 18.00
C ASP A 364 24.91 -33.62 18.37
N LEU A 365 26.03 -33.71 17.65
CA LEU A 365 27.16 -34.52 18.07
C LEU A 365 28.22 -33.71 18.77
N HIS A 366 27.96 -32.42 19.00
CA HIS A 366 28.95 -31.49 19.53
C HIS A 366 28.42 -30.81 20.78
N ALA A 367 29.29 -30.67 21.77
CA ALA A 367 28.97 -29.84 22.92
C ALA A 367 29.03 -28.37 22.52
N ASP A 368 28.48 -27.53 23.40
CA ASP A 368 28.44 -26.09 23.15
C ASP A 368 29.85 -25.55 22.91
N HIS A 369 30.79 -25.93 23.78
CA HIS A 369 32.14 -25.41 23.64
C HIS A 369 32.76 -25.83 22.31
N GLU A 370 32.31 -26.95 21.73
CA GLU A 370 32.81 -27.36 20.42
C GLU A 370 32.11 -26.60 19.31
N LEU A 371 30.81 -26.32 19.47
CA LEU A 371 30.18 -25.35 18.59
C LEU A 371 30.92 -24.01 18.65
N ARG A 372 31.42 -23.63 19.83
CA ARG A 372 32.17 -22.39 19.95
C ARG A 372 33.48 -22.44 19.20
N LYS A 373 34.27 -23.51 19.42
CA LYS A 373 35.55 -23.68 18.72
C LYS A 373 35.36 -23.60 17.21
N ILE A 374 34.29 -24.20 16.69
CA ILE A 374 34.02 -24.12 15.27
C ILE A 374 33.82 -22.67 14.84
N LEU A 375 33.00 -21.91 15.59
CA LEU A 375 32.77 -20.52 15.22
C LEU A 375 34.05 -19.70 15.32
N GLU A 376 34.96 -20.13 16.20
CA GLU A 376 36.19 -19.39 16.40
C GLU A 376 37.15 -19.58 15.24
N THR A 377 37.31 -20.83 14.80
CA THR A 377 38.31 -21.15 13.78
C THR A 377 37.78 -21.10 12.36
N GLN A 378 36.48 -21.32 12.16
CA GLN A 378 35.93 -21.43 10.83
C GLN A 378 35.11 -20.22 10.41
N THR A 379 34.99 -19.19 11.25
CA THR A 379 34.33 -17.95 10.86
C THR A 379 35.14 -16.76 11.36
N SER A 380 34.70 -15.57 10.94
CA SER A 380 35.29 -14.31 11.35
C SER A 380 34.51 -13.62 12.47
N LEU A 381 33.65 -14.35 13.16
CA LEU A 381 32.80 -13.71 14.16
C LEU A 381 33.65 -13.20 15.31
N PRO A 382 33.30 -12.05 15.88
CA PRO A 382 33.99 -11.59 17.08
C PRO A 382 33.66 -12.50 18.26
N GLU A 383 34.69 -12.85 19.03
CA GLU A 383 34.50 -13.73 20.19
C GLU A 383 33.31 -13.30 21.04
N LYS A 384 33.07 -11.98 21.12
CA LYS A 384 31.92 -11.48 21.89
C LYS A 384 30.62 -12.08 21.39
N THR A 385 30.52 -12.41 20.11
CA THR A 385 29.26 -12.88 19.55
C THR A 385 28.87 -14.25 20.08
N TYR A 386 29.85 -15.08 20.45
CA TYR A 386 29.55 -16.47 20.74
C TYR A 386 30.11 -16.95 22.09
N VAL A 387 30.99 -16.18 22.73
CA VAL A 387 31.66 -16.66 23.94
C VAL A 387 30.68 -17.07 25.04
N HIS A 388 29.51 -16.43 25.10
CA HIS A 388 28.52 -16.73 26.13
C HIS A 388 27.17 -17.07 25.53
N ALA A 389 27.08 -17.25 24.22
CA ALA A 389 25.81 -17.56 23.60
C ALA A 389 25.29 -18.91 24.08
N SER A 390 23.98 -19.01 24.15
CA SER A 390 23.30 -20.27 24.41
C SER A 390 23.47 -21.22 23.22
N ARG A 391 23.16 -22.49 23.47
CA ARG A 391 23.27 -23.52 22.44
C ARG A 391 22.46 -23.15 21.21
N GLY A 392 21.16 -22.84 21.41
CA GLY A 392 20.34 -22.39 20.30
C GLY A 392 20.95 -21.21 19.57
N GLU A 393 21.49 -20.25 20.31
CA GLU A 393 22.15 -19.12 19.67
C GLU A 393 23.38 -19.57 18.88
N LEU A 394 24.15 -20.50 19.44
CA LEU A 394 25.32 -21.02 18.73
C LEU A 394 24.91 -21.64 17.41
N ILE A 395 23.80 -22.39 17.42
CA ILE A 395 23.32 -23.04 16.21
C ILE A 395 22.88 -22.02 15.17
N ALA A 396 22.25 -20.92 15.61
CA ALA A 396 21.81 -19.90 14.66
C ALA A 396 23.00 -19.21 14.00
N LEU A 397 24.07 -18.95 14.77
CA LEU A 397 25.29 -18.41 14.18
C LEU A 397 25.93 -19.39 13.22
N LEU A 398 25.95 -20.69 13.56
CA LEU A 398 26.52 -21.66 12.64
C LEU A 398 25.75 -21.65 11.33
N PHE A 399 24.43 -21.54 11.39
CA PHE A 399 23.66 -21.39 10.18
C PHE A 399 24.03 -20.10 9.45
N ASP A 400 24.02 -18.97 10.18
CA ASP A 400 24.32 -17.66 9.61
C ASP A 400 25.63 -17.67 8.84
N GLU A 401 26.67 -18.27 9.43
CA GLU A 401 28.01 -18.19 8.89
C GLU A 401 28.36 -19.32 7.94
N LEU A 402 27.75 -20.50 8.08
CA LEU A 402 28.18 -21.66 7.31
C LEU A 402 27.18 -22.10 6.25
N VAL A 403 25.92 -21.68 6.33
CA VAL A 403 24.86 -22.21 5.47
C VAL A 403 24.28 -21.14 4.56
N CYS A 404 23.91 -19.98 5.13
CA CYS A 404 23.00 -19.04 4.47
C CYS A 404 23.45 -18.67 3.05
N ASP A 405 24.73 -18.30 2.90
CA ASP A 405 25.29 -17.94 1.60
C ASP A 405 25.21 -19.06 0.56
N LYS A 406 25.13 -20.32 1.00
CA LYS A 406 25.12 -21.45 0.09
C LYS A 406 23.73 -21.82 -0.40
N LEU A 407 22.67 -21.17 0.11
CA LEU A 407 21.30 -21.53 -0.28
C LEU A 407 20.92 -20.70 -1.50
N ILE A 408 21.23 -21.25 -2.68
CA ILE A 408 20.99 -20.55 -3.94
C ILE A 408 19.62 -20.91 -4.49
N ALA A 409 19.37 -22.21 -4.66
CA ALA A 409 18.02 -22.67 -4.98
C ALA A 409 17.08 -22.32 -3.82
N PRO A 410 15.80 -22.10 -4.11
CA PRO A 410 14.84 -21.79 -3.04
C PRO A 410 14.80 -22.90 -1.99
N HIS A 411 14.99 -22.53 -0.73
CA HIS A 411 14.93 -23.43 0.42
C HIS A 411 13.95 -22.90 1.44
N HIS A 412 13.23 -23.80 2.10
CA HIS A 412 12.61 -23.50 3.39
C HIS A 412 13.51 -24.10 4.46
N ILE A 413 13.96 -23.27 5.40
CA ILE A 413 14.78 -23.74 6.52
C ILE A 413 13.91 -23.69 7.77
N THR A 414 13.60 -24.86 8.32
CA THR A 414 12.59 -25.00 9.36
C THR A 414 13.22 -25.25 10.72
N ASP A 415 12.39 -25.09 11.75
CA ASP A 415 12.65 -25.57 13.10
C ASP A 415 13.89 -24.90 13.70
N HIS A 416 13.72 -23.61 13.97
CA HIS A 416 14.79 -22.76 14.47
C HIS A 416 14.89 -22.85 15.98
N PRO A 417 16.05 -22.50 16.55
CA PRO A 417 16.14 -22.40 18.01
C PRO A 417 15.16 -21.37 18.53
N LEU A 418 14.59 -21.67 19.71
CA LEU A 418 13.61 -20.79 20.34
C LEU A 418 14.13 -19.38 20.52
N GLU A 419 15.43 -19.23 20.77
CA GLU A 419 16.01 -17.90 20.98
C GLU A 419 15.84 -16.97 19.78
N THR A 420 15.62 -17.50 18.57
CA THR A 420 15.55 -16.65 17.39
C THR A 420 14.26 -15.83 17.34
N THR A 421 13.22 -16.20 18.08
CA THR A 421 12.00 -15.39 18.04
C THR A 421 11.18 -15.67 19.28
N PRO A 422 10.43 -14.68 19.77
CA PRO A 422 9.51 -14.89 20.89
C PRO A 422 8.06 -15.05 20.51
N LEU A 423 7.73 -15.07 19.22
CA LEU A 423 6.34 -14.99 18.77
C LEU A 423 5.84 -16.29 18.16
N CYS A 424 6.58 -17.39 18.35
CA CYS A 424 6.36 -18.62 17.61
C CYS A 424 6.19 -19.80 18.55
N LYS A 425 5.25 -20.69 18.22
CA LYS A 425 5.01 -21.89 19.02
C LYS A 425 6.17 -22.87 18.88
N THR A 426 6.43 -23.62 19.94
CA THR A 426 7.48 -24.64 19.91
C THR A 426 6.98 -25.90 19.19
N LEU A 427 7.91 -26.82 18.92
CA LEU A 427 7.61 -27.98 18.07
C LEU A 427 6.53 -28.85 18.70
N ARG A 428 5.53 -29.23 17.89
CA ARG A 428 4.46 -30.10 18.39
C ARG A 428 5.00 -31.44 18.89
N SER A 429 6.20 -31.85 18.47
CA SER A 429 6.81 -33.06 19.02
C SER A 429 7.12 -32.95 20.51
N GLY A 430 7.11 -31.75 21.06
CA GLY A 430 7.48 -31.58 22.44
C GLY A 430 8.87 -31.02 22.64
N ASP A 431 9.66 -30.88 21.58
CA ASP A 431 10.97 -30.24 21.68
C ASP A 431 10.76 -28.74 21.85
N GLU A 432 10.91 -28.26 23.08
CA GLU A 432 10.70 -26.85 23.41
C GLU A 432 11.93 -25.99 23.23
N THR A 433 13.02 -26.55 22.69
CA THR A 433 14.18 -25.75 22.30
C THR A 433 14.09 -25.24 20.86
N LEU A 434 13.11 -25.72 20.09
CA LEU A 434 12.93 -25.32 18.71
C LEU A 434 11.50 -24.81 18.51
N VAL A 435 11.31 -23.95 17.50
CA VAL A 435 9.99 -23.42 17.21
C VAL A 435 9.59 -23.81 15.79
N GLU A 436 8.28 -23.86 15.56
CA GLU A 436 7.70 -24.18 14.25
C GLU A 436 7.75 -22.92 13.38
N ARG A 437 8.98 -22.56 13.05
CA ARG A 437 9.28 -21.43 12.17
C ARG A 437 9.98 -21.96 10.92
N PHE A 438 9.80 -21.26 9.81
CA PHE A 438 10.67 -21.46 8.66
C PHE A 438 11.01 -20.10 8.08
N GLU A 439 12.22 -20.02 7.53
CA GLU A 439 12.61 -18.93 6.66
C GLU A 439 12.89 -19.51 5.28
N SER A 440 12.47 -18.80 4.26
CA SER A 440 12.74 -19.20 2.89
C SER A 440 13.93 -18.39 2.38
N PHE A 441 14.88 -19.07 1.77
CA PHE A 441 16.04 -18.44 1.17
C PHE A 441 16.11 -18.76 -0.30
N CYS A 442 16.60 -17.79 -1.05
CA CYS A 442 16.91 -17.96 -2.45
C CYS A 442 18.02 -16.98 -2.81
N LEU A 443 18.96 -17.43 -3.64
CA LEU A 443 20.12 -16.63 -4.04
C LEU A 443 20.93 -16.17 -2.84
N GLY A 444 20.95 -16.98 -1.78
CA GLY A 444 21.70 -16.63 -0.58
C GLY A 444 21.04 -15.60 0.32
N LYS A 445 19.80 -15.20 0.04
CA LYS A 445 19.18 -14.14 0.80
C LYS A 445 17.84 -14.61 1.36
N GLU A 446 17.56 -14.16 2.58
CA GLU A 446 16.28 -14.43 3.23
C GLU A 446 15.17 -13.74 2.46
N LEU A 447 14.10 -14.47 2.24
CA LEU A 447 12.95 -14.00 1.48
C LEU A 447 11.68 -13.99 2.29
N CYS A 448 11.55 -14.89 3.25
CA CYS A 448 10.29 -15.17 3.90
C CYS A 448 10.56 -15.60 5.32
N ASN A 449 9.63 -15.26 6.22
CA ASN A 449 9.68 -15.64 7.63
C ASN A 449 8.27 -16.03 8.04
N ALA A 450 8.11 -17.17 8.71
CA ALA A 450 6.77 -17.70 8.90
C ALA A 450 6.67 -18.53 10.19
N TYR A 451 5.49 -18.48 10.82
CA TYR A 451 5.30 -19.16 12.10
C TYR A 451 4.04 -20.03 12.11
N SER A 452 4.10 -21.10 12.90
CA SER A 452 2.93 -21.53 13.66
C SER A 452 2.78 -20.56 14.83
N GLU A 453 1.79 -19.68 14.76
CA GLU A 453 1.77 -18.50 15.61
C GLU A 453 1.50 -18.85 17.06
N LEU A 454 2.16 -18.14 17.95
CA LEU A 454 2.06 -18.38 19.39
C LEU A 454 0.81 -17.67 19.91
N ASN A 455 -0.08 -18.42 20.55
CA ASN A 455 -1.31 -17.81 21.06
C ASN A 455 -1.61 -18.24 22.50
N ASP A 456 -0.68 -18.90 23.17
CA ASP A 456 -0.71 -19.15 24.60
C ASP A 456 -0.32 -17.85 25.28
N PRO A 457 -1.24 -17.14 25.95
CA PRO A 457 -0.87 -15.82 26.53
C PRO A 457 0.25 -15.89 27.56
N LEU A 458 0.21 -16.87 28.47
CA LEU A 458 1.24 -16.97 29.51
C LEU A 458 2.60 -17.30 28.91
N GLN A 459 2.64 -18.19 27.92
CA GLN A 459 3.91 -18.47 27.25
C GLN A 459 4.42 -17.22 26.53
N GLN A 460 3.52 -16.48 25.87
CA GLN A 460 3.92 -15.27 25.15
C GLN A 460 4.54 -14.25 26.09
N ARG A 461 3.93 -14.06 27.27
CA ARG A 461 4.49 -13.12 28.23
C ARG A 461 5.84 -13.63 28.72
N LYS A 462 5.93 -14.92 29.03
CA LYS A 462 7.19 -15.48 29.47
C LYS A 462 8.30 -15.22 28.46
N LEU A 463 8.00 -15.44 27.18
CA LEU A 463 9.03 -15.29 26.15
C LEU A 463 9.45 -13.83 25.97
N LEU A 464 8.49 -12.90 26.03
CA LEU A 464 8.82 -11.48 25.94
C LEU A 464 9.57 -10.98 27.17
N GLU A 465 9.29 -11.56 28.35
CA GLU A 465 10.05 -11.19 29.53
C GLU A 465 11.50 -11.66 29.42
N GLU A 466 11.71 -12.91 28.99
CA GLU A 466 13.07 -13.40 28.81
C GLU A 466 13.83 -12.58 27.79
N GLN A 467 13.14 -12.07 26.76
CA GLN A 467 13.77 -11.15 25.84
C GLN A 467 14.21 -9.87 26.56
N MET A 468 13.32 -9.30 27.39
CA MET A 468 13.68 -8.14 28.20
C MET A 468 14.94 -8.38 29.02
N ARG A 469 15.01 -9.52 29.72
CA ARG A 469 16.20 -9.80 30.53
C ARG A 469 17.43 -9.91 29.65
N LYS A 470 17.32 -10.59 28.52
CA LYS A 470 18.45 -10.70 27.61
C LYS A 470 18.86 -9.32 27.11
N LYS A 471 17.90 -8.54 26.61
CA LYS A 471 18.19 -7.19 26.12
C LYS A 471 18.66 -6.27 27.23
N ALA A 472 18.26 -6.53 28.48
CA ALA A 472 18.71 -5.66 29.57
C ALA A 472 20.21 -5.72 29.74
N LEU A 473 20.82 -6.83 29.34
CA LEU A 473 22.26 -6.98 29.45
C LEU A 473 23.00 -6.36 28.27
N ASN A 474 22.30 -5.98 27.20
CA ASN A 474 22.95 -5.29 26.08
C ASN A 474 22.78 -3.79 26.23
N PRO A 475 23.87 -3.02 26.38
CA PRO A 475 23.76 -1.56 26.48
C PRO A 475 23.54 -0.86 25.14
N ASP A 476 23.58 -1.60 24.03
CA ASP A 476 23.26 -1.07 22.72
C ASP A 476 21.77 -1.10 22.41
N SER A 477 20.99 -1.88 23.16
CA SER A 477 19.54 -1.91 23.02
C SER A 477 18.91 -1.11 24.17
N GLU A 478 18.09 -0.12 23.81
CA GLU A 478 17.35 0.64 24.81
C GLU A 478 16.16 -0.20 25.32
N TYR A 479 15.60 0.23 26.44
CA TYR A 479 14.52 -0.52 27.07
C TYR A 479 13.26 -0.52 26.21
N HIS A 480 12.66 -1.68 26.07
CA HIS A 480 11.52 -1.90 25.17
C HIS A 480 10.42 -2.56 25.99
N PRO A 481 9.34 -1.85 26.33
CA PRO A 481 8.29 -2.47 27.15
C PRO A 481 7.49 -3.51 26.40
N ILE A 482 6.85 -4.36 27.17
CA ILE A 482 5.96 -5.38 26.63
C ILE A 482 4.68 -4.71 26.16
N ASP A 483 4.24 -5.04 24.94
CA ASP A 483 2.97 -4.56 24.40
C ASP A 483 1.83 -5.20 25.20
N GLU A 484 1.32 -4.48 26.21
CA GLU A 484 0.28 -5.03 27.07
C GLU A 484 -1.05 -5.19 26.35
N GLU A 485 -1.41 -4.27 25.47
CA GLU A 485 -2.66 -4.47 24.75
C GLU A 485 -2.59 -5.73 23.89
N PHE A 486 -1.42 -6.02 23.33
CA PHE A 486 -1.25 -7.26 22.58
C PHE A 486 -1.53 -8.48 23.47
N LEU A 487 -0.96 -8.49 24.67
CA LEU A 487 -1.19 -9.63 25.53
C LEU A 487 -2.68 -9.75 25.88
N GLU A 488 -3.35 -8.62 26.10
CA GLU A 488 -4.77 -8.69 26.43
C GLU A 488 -5.56 -9.27 25.27
N ALA A 489 -5.21 -8.89 24.04
CA ALA A 489 -5.85 -9.47 22.86
C ALA A 489 -5.67 -10.99 22.81
N LEU A 490 -4.46 -11.47 23.11
CA LEU A 490 -4.24 -12.91 23.18
C LEU A 490 -5.10 -13.53 24.27
N CYS A 491 -5.27 -12.83 25.40
CA CYS A 491 -6.17 -13.30 26.45
C CYS A 491 -7.62 -13.38 25.98
N GLN A 492 -8.04 -12.41 25.15
CA GLN A 492 -9.34 -12.55 24.51
C GLN A 492 -9.40 -13.83 23.70
N GLY A 493 -8.27 -14.21 23.10
CA GLY A 493 -8.21 -15.47 22.40
C GLY A 493 -7.89 -15.33 20.92
N MET A 494 -6.68 -15.72 20.53
CA MET A 494 -6.34 -15.81 19.12
C MET A 494 -6.44 -17.25 18.67
N PRO A 495 -7.09 -17.53 17.55
CA PRO A 495 -7.12 -18.90 17.05
C PRO A 495 -5.71 -19.39 16.79
N PRO A 496 -5.50 -20.70 16.72
CA PRO A 496 -4.27 -21.18 16.08
C PRO A 496 -4.20 -20.56 14.70
N ALA A 497 -2.98 -20.27 14.26
CA ALA A 497 -2.84 -19.48 13.04
C ALA A 497 -1.47 -19.73 12.45
N GLY A 498 -1.40 -19.59 11.15
CA GLY A 498 -0.13 -19.56 10.43
C GLY A 498 0.02 -18.22 9.73
N GLY A 499 1.21 -17.67 9.81
CA GLY A 499 1.47 -16.35 9.24
C GLY A 499 2.81 -16.35 8.56
N PHE A 500 2.93 -15.51 7.54
CA PHE A 500 4.21 -15.33 6.92
C PHE A 500 4.42 -13.85 6.64
N GLY A 501 5.68 -13.50 6.48
CA GLY A 501 6.06 -12.22 5.89
C GLY A 501 7.02 -12.47 4.75
N ILE A 502 6.87 -11.69 3.69
CA ILE A 502 7.75 -11.76 2.53
C ILE A 502 8.31 -10.38 2.23
N GLY A 503 9.63 -10.28 2.08
CA GLY A 503 10.23 -9.05 1.59
C GLY A 503 10.03 -8.89 0.10
N ILE A 504 9.11 -8.02 -0.30
CA ILE A 504 8.69 -7.93 -1.70
C ILE A 504 9.81 -7.37 -2.59
N ASP A 505 10.60 -6.42 -2.09
CA ASP A 505 11.71 -5.86 -2.87
C ASP A 505 12.77 -6.92 -3.16
N ARG A 506 13.12 -7.74 -2.18
CA ARG A 506 14.02 -8.85 -2.46
C ARG A 506 13.39 -9.79 -3.48
N LEU A 507 12.08 -10.03 -3.35
CA LEU A 507 11.37 -10.86 -4.32
C LEU A 507 11.48 -10.24 -5.72
N VAL A 508 11.23 -8.94 -5.84
CA VAL A 508 11.37 -8.28 -7.14
C VAL A 508 12.80 -8.41 -7.67
N MET A 509 13.80 -8.31 -6.78
CA MET A 509 15.19 -8.46 -7.21
C MET A 509 15.44 -9.81 -7.86
N MET A 510 14.94 -10.88 -7.23
CA MET A 510 15.21 -12.22 -7.74
C MET A 510 14.52 -12.50 -9.07
N LEU A 511 13.50 -11.74 -9.43
CA LEU A 511 12.75 -12.00 -10.64
C LEU A 511 13.04 -10.99 -11.73
N THR A 512 13.88 -9.99 -11.45
CA THR A 512 14.25 -9.00 -12.44
C THR A 512 15.75 -8.94 -12.66
N ASP A 513 16.48 -9.93 -12.17
CA ASP A 513 17.93 -9.97 -12.26
C ASP A 513 18.54 -8.64 -11.79
N ALA A 514 18.05 -8.15 -10.66
CA ALA A 514 18.55 -6.91 -10.09
C ALA A 514 19.72 -7.23 -9.16
N ALA A 515 20.86 -6.56 -9.39
CA ALA A 515 22.02 -6.72 -8.52
C ALA A 515 21.77 -6.14 -7.12
N SER A 516 21.01 -5.05 -7.03
CA SER A 516 20.86 -4.32 -5.77
C SER A 516 19.39 -4.00 -5.55
N ILE A 517 19.03 -3.85 -4.27
CA ILE A 517 17.69 -3.38 -3.94
C ILE A 517 17.50 -1.97 -4.47
N ARG A 518 18.59 -1.22 -4.63
CA ARG A 518 18.49 0.11 -5.20
C ARG A 518 17.92 0.06 -6.60
N ASP A 519 17.97 -1.11 -7.26
CA ASP A 519 17.50 -1.24 -8.63
C ASP A 519 16.00 -1.49 -8.71
N VAL A 520 15.35 -1.85 -7.60
CA VAL A 520 13.93 -2.15 -7.58
C VAL A 520 13.14 -1.12 -6.79
N LEU A 521 13.79 -0.02 -6.39
CA LEU A 521 13.11 1.14 -5.82
C LEU A 521 13.34 2.33 -6.73
N PHE A 522 12.27 3.07 -7.01
CA PHE A 522 12.44 4.29 -7.81
C PHE A 522 13.43 5.26 -7.15
N PHE A 523 13.36 5.41 -5.82
CA PHE A 523 14.17 6.40 -5.09
C PHE A 523 14.73 5.79 -3.81
N PRO A 524 15.77 4.99 -3.93
CA PRO A 524 16.44 4.45 -2.74
C PRO A 524 17.14 5.54 -1.94
N VAL A 525 17.39 5.23 -0.67
CA VAL A 525 18.09 6.15 0.21
C VAL A 525 19.52 6.34 -0.29
N MET A 526 19.98 7.60 -0.34
CA MET A 526 21.26 7.99 -0.92
C MET A 526 22.00 8.92 0.03
N ARG A 527 23.33 8.78 0.10
CA ARG A 527 24.14 9.69 0.89
C ARG A 527 24.07 11.12 0.35
N ARG A 528 24.61 12.06 1.13
CA ARG A 528 24.57 13.51 0.85
C ARG A 528 24.81 13.89 -0.62
N VAL B 13 -2.55 -2.90 34.37
CA VAL B 13 -3.16 -4.10 33.78
C VAL B 13 -4.09 -4.75 34.81
N GLU B 14 -5.29 -4.19 34.93
CA GLU B 14 -6.19 -4.56 36.01
C GLU B 14 -6.87 -5.90 35.78
N TYR B 15 -6.85 -6.45 34.56
CA TYR B 15 -7.56 -7.72 34.34
C TYR B 15 -6.82 -8.91 34.93
N LEU B 16 -5.49 -8.80 35.12
CA LEU B 16 -4.70 -9.87 35.72
C LEU B 16 -5.18 -10.23 37.12
N GLN B 17 -5.97 -9.37 37.76
CA GLN B 17 -6.52 -9.65 39.07
C GLN B 17 -8.01 -9.89 39.05
N HIS B 18 -8.67 -9.79 37.90
CA HIS B 18 -10.09 -10.08 37.84
C HIS B 18 -10.34 -11.54 38.14
N GLU B 19 -11.46 -11.81 38.83
CA GLU B 19 -11.81 -13.18 39.18
C GLU B 19 -11.79 -14.06 37.94
N ASP B 20 -12.44 -13.61 36.87
CA ASP B 20 -12.61 -14.46 35.71
C ASP B 20 -11.27 -14.89 35.12
N TYR B 21 -10.30 -13.98 35.07
CA TYR B 21 -8.97 -14.34 34.60
C TYR B 21 -8.37 -15.46 35.46
N LEU B 22 -8.33 -15.26 36.79
CA LEU B 22 -7.75 -16.27 37.67
C LEU B 22 -8.50 -17.60 37.56
N TYR B 23 -9.82 -17.54 37.43
CA TYR B 23 -10.60 -18.77 37.29
C TYR B 23 -10.26 -19.47 35.98
N ARG B 24 -10.19 -18.72 34.88
CA ARG B 24 -9.90 -19.36 33.60
C ARG B 24 -8.46 -19.87 33.52
N THR B 25 -7.50 -19.12 34.06
CA THR B 25 -6.12 -19.59 33.99
C THR B 25 -5.94 -20.87 34.79
N SER B 26 -6.66 -21.01 35.89
CA SER B 26 -6.54 -22.24 36.68
C SER B 26 -7.11 -23.44 35.96
N LYS B 27 -7.91 -23.25 34.91
CA LYS B 27 -8.35 -24.37 34.11
C LYS B 27 -7.25 -24.90 33.19
N LEU B 28 -6.19 -24.12 32.96
CA LEU B 28 -5.13 -24.57 32.05
C LEU B 28 -4.42 -25.79 32.60
N LYS B 29 -3.97 -25.74 33.86
CA LYS B 29 -3.34 -26.91 34.46
C LYS B 29 -4.30 -28.09 34.53
N GLU B 30 -5.60 -27.83 34.71
CA GLU B 30 -6.58 -28.92 34.76
C GLU B 30 -6.74 -29.56 33.40
N ILE B 31 -6.78 -28.75 32.35
CA ILE B 31 -6.95 -29.28 30.99
C ILE B 31 -5.69 -30.01 30.53
N ARG B 32 -4.52 -29.44 30.78
CA ARG B 32 -3.29 -30.14 30.44
C ARG B 32 -3.12 -31.43 31.24
N ASP B 33 -3.62 -31.48 32.47
CA ASP B 33 -3.52 -32.70 33.25
C ASP B 33 -4.43 -33.80 32.69
N LEU B 34 -5.46 -33.45 31.93
CA LEU B 34 -6.26 -34.40 31.17
C LEU B 34 -5.60 -34.80 29.85
N GLY B 35 -4.36 -34.35 29.61
CA GLY B 35 -3.68 -34.67 28.37
C GLY B 35 -4.18 -33.90 27.16
N ILE B 36 -4.86 -32.77 27.36
CA ILE B 36 -5.38 -31.95 26.28
C ILE B 36 -4.54 -30.69 26.14
N ASN B 37 -4.10 -30.40 24.92
CA ASN B 37 -3.35 -29.18 24.66
C ASN B 37 -4.34 -28.05 24.44
N PRO B 38 -4.33 -27.01 25.28
CA PRO B 38 -5.34 -25.97 25.13
C PRO B 38 -4.99 -24.94 24.06
N TYR B 39 -3.80 -25.03 23.47
CA TYR B 39 -3.39 -24.16 22.36
C TYR B 39 -2.77 -25.01 21.25
N PRO B 40 -3.59 -25.88 20.57
CA PRO B 40 -3.03 -26.78 19.56
C PRO B 40 -2.64 -26.10 18.25
N TYR B 41 -2.17 -26.87 17.28
CA TYR B 41 -1.37 -26.35 16.18
C TYR B 41 -2.15 -26.03 14.92
N GLN B 42 -3.30 -26.65 14.70
CA GLN B 42 -4.07 -26.41 13.48
C GLN B 42 -5.42 -27.09 13.61
N TYR B 43 -6.34 -26.69 12.72
CA TYR B 43 -7.65 -27.33 12.55
C TYR B 43 -7.89 -27.35 11.05
N THR B 44 -7.35 -28.37 10.40
CA THR B 44 -7.36 -28.52 8.95
C THR B 44 -8.72 -28.98 8.42
N ASP B 45 -8.86 -28.91 7.10
CA ASP B 45 -9.94 -29.57 6.35
CA ASP B 45 -9.94 -29.59 6.38
C ASP B 45 -11.32 -29.18 6.88
N CYS B 46 -11.50 -27.87 7.11
CA CYS B 46 -12.80 -27.43 7.55
C CYS B 46 -13.36 -26.38 6.59
N LEU B 47 -14.62 -26.04 6.82
CA LEU B 47 -15.38 -25.09 6.02
C LEU B 47 -15.69 -23.87 6.86
N GLU B 48 -15.80 -22.73 6.19
CA GLU B 48 -16.32 -21.54 6.84
C GLU B 48 -17.79 -21.74 7.16
N VAL B 49 -18.22 -21.22 8.31
CA VAL B 49 -19.64 -21.29 8.67
C VAL B 49 -20.50 -20.69 7.58
N GLN B 50 -20.13 -19.51 7.08
CA GLN B 50 -20.90 -18.90 5.99
C GLN B 50 -21.00 -19.84 4.79
N GLU B 51 -19.95 -20.62 4.52
CA GLU B 51 -20.00 -21.50 3.36
C GLU B 51 -20.91 -22.70 3.63
N ILE B 52 -20.91 -23.21 4.86
CA ILE B 52 -21.90 -24.22 5.25
C ILE B 52 -23.31 -23.68 5.05
N ARG B 53 -23.59 -22.48 5.58
CA ARG B 53 -24.91 -21.90 5.41
C ARG B 53 -25.25 -21.74 3.94
N ASN B 54 -24.27 -21.31 3.13
CA ASN B 54 -24.52 -21.14 1.70
C ASN B 54 -24.88 -22.47 1.05
N GLN B 55 -24.21 -23.57 1.45
CA GLN B 55 -24.45 -24.84 0.79
C GLN B 55 -25.72 -25.52 1.28
N PHE B 56 -26.02 -25.43 2.58
CA PHE B 56 -27.01 -26.30 3.17
C PHE B 56 -28.24 -25.60 3.74
N VAL B 57 -28.22 -24.28 3.94
CA VAL B 57 -29.39 -23.63 4.53
C VAL B 57 -30.61 -23.83 3.63
N ASP B 58 -30.48 -23.53 2.34
CA ASP B 58 -31.57 -23.76 1.39
C ASP B 58 -31.43 -25.18 0.86
N ASN B 59 -31.89 -26.14 1.66
CA ASN B 59 -31.65 -27.54 1.34
C ASN B 59 -32.65 -28.41 2.08
N GLU B 60 -33.10 -29.47 1.41
CA GLU B 60 -33.74 -30.58 2.12
C GLU B 60 -32.69 -31.26 2.98
N LEU B 61 -33.07 -31.58 4.21
CA LEU B 61 -32.09 -31.95 5.22
C LEU B 61 -32.85 -32.41 6.46
N GLY B 62 -32.23 -33.29 7.23
CA GLY B 62 -32.94 -34.04 8.25
C GLY B 62 -33.14 -33.35 9.59
N ASP B 63 -33.87 -34.04 10.47
CA ASP B 63 -34.08 -33.59 11.84
C ASP B 63 -32.94 -34.09 12.74
N SER B 64 -33.06 -33.82 14.04
CA SER B 64 -32.01 -34.22 14.98
C SER B 64 -31.75 -35.73 14.94
N GLU B 65 -32.78 -36.54 14.72
CA GLU B 65 -32.62 -38.00 14.77
C GLU B 65 -31.84 -38.50 13.57
N ALA B 66 -31.98 -37.85 12.41
CA ALA B 66 -31.15 -38.19 11.28
C ALA B 66 -29.68 -37.83 11.54
N ALA B 67 -29.42 -36.75 12.28
CA ALA B 67 -28.04 -36.44 12.63
C ALA B 67 -27.50 -37.42 13.65
N PHE B 68 -28.32 -37.80 14.65
CA PHE B 68 -27.91 -38.81 15.60
C PHE B 68 -27.59 -40.13 14.92
N ARG B 69 -28.26 -40.43 13.82
CA ARG B 69 -27.98 -41.64 13.06
C ARG B 69 -26.88 -41.43 12.04
N LYS B 70 -26.17 -40.31 12.12
CA LYS B 70 -25.06 -39.99 11.23
C LYS B 70 -25.47 -40.07 9.75
N GLU B 71 -26.68 -39.60 9.46
CA GLU B 71 -27.22 -39.69 8.12
C GLU B 71 -27.11 -38.39 7.33
N THR B 72 -26.96 -37.27 8.00
CA THR B 72 -26.94 -35.97 7.33
C THR B 72 -25.50 -35.58 7.01
N PRO B 73 -25.30 -34.50 6.24
CA PRO B 73 -23.93 -34.12 5.87
C PRO B 73 -23.06 -33.84 7.10
N LYS B 74 -21.84 -34.34 7.04
CA LYS B 74 -20.85 -34.11 8.07
C LYS B 74 -20.00 -32.89 7.70
N VAL B 75 -19.71 -32.04 8.68
CA VAL B 75 -18.97 -30.81 8.45
C VAL B 75 -17.91 -30.63 9.54
N ARG B 76 -16.81 -29.98 9.17
CA ARG B 76 -15.84 -29.46 10.12
C ARG B 76 -15.80 -27.94 10.01
N PHE B 77 -15.77 -27.28 11.15
CA PHE B 77 -15.63 -25.83 11.18
C PHE B 77 -15.12 -25.42 12.56
N ALA B 78 -14.86 -24.12 12.71
CA ALA B 78 -14.24 -23.61 13.92
C ALA B 78 -14.71 -22.19 14.12
N GLY B 79 -14.67 -21.76 15.38
CA GLY B 79 -14.95 -20.39 15.72
C GLY B 79 -15.07 -20.23 17.22
N ARG B 80 -15.59 -19.07 17.61
CA ARG B 80 -15.61 -18.66 18.99
C ARG B 80 -16.98 -19.01 19.57
N LEU B 81 -16.97 -19.63 20.75
CA LEU B 81 -18.20 -19.90 21.51
C LEU B 81 -18.72 -18.62 22.13
N VAL B 82 -19.88 -18.14 21.67
CA VAL B 82 -20.48 -16.90 22.15
C VAL B 82 -21.81 -17.12 22.85
N LEU B 83 -22.30 -18.35 22.90
CA LEU B 83 -23.53 -18.64 23.64
C LEU B 83 -23.49 -20.09 24.06
N PHE B 84 -23.93 -20.37 25.28
CA PHE B 84 -23.94 -21.74 25.77
C PHE B 84 -25.02 -21.88 26.84
N ARG B 85 -25.75 -23.00 26.77
CA ARG B 85 -26.76 -23.34 27.75
C ARG B 85 -26.76 -24.86 27.95
N SER B 86 -26.59 -25.31 29.19
CA SER B 86 -26.63 -26.73 29.50
C SER B 86 -28.06 -27.15 29.81
N MET B 87 -28.50 -28.26 29.20
CA MET B 87 -29.82 -28.83 29.43
C MET B 87 -29.73 -30.27 29.93
N GLY B 88 -28.77 -30.55 30.80
CA GLY B 88 -28.61 -31.91 31.30
C GLY B 88 -27.89 -32.78 30.29
N LYS B 89 -28.59 -33.81 29.78
CA LYS B 89 -28.02 -34.69 28.78
C LYS B 89 -27.58 -33.95 27.52
N ASN B 90 -28.13 -32.76 27.27
CA ASN B 90 -27.80 -31.99 26.08
C ASN B 90 -27.34 -30.59 26.46
N ALA B 91 -26.54 -29.99 25.58
CA ALA B 91 -26.12 -28.61 25.69
C ALA B 91 -26.14 -27.97 24.31
N PHE B 92 -26.54 -26.71 24.27
CA PHE B 92 -26.62 -25.97 23.02
C PHE B 92 -25.69 -24.76 23.06
N GLY B 93 -25.18 -24.38 21.90
CA GLY B 93 -24.29 -23.24 21.83
C GLY B 93 -24.40 -22.52 20.50
N GLN B 94 -23.74 -21.37 20.45
CA GLN B 94 -23.57 -20.62 19.20
C GLN B 94 -22.09 -20.45 18.93
N ILE B 95 -21.68 -20.72 17.70
CA ILE B 95 -20.30 -20.56 17.27
C ILE B 95 -20.26 -19.39 16.31
N LEU B 96 -19.37 -18.43 16.57
CA LEU B 96 -19.16 -17.27 15.71
C LEU B 96 -17.90 -17.50 14.90
N ASP B 97 -18.02 -17.35 13.58
CA ASP B 97 -16.90 -17.62 12.67
C ASP B 97 -16.97 -16.56 11.59
N ASN B 98 -16.09 -15.57 11.70
CA ASN B 98 -15.85 -14.65 10.59
C ASN B 98 -17.19 -14.03 10.13
N ASP B 99 -17.85 -13.37 11.09
CA ASP B 99 -19.13 -12.68 10.91
C ASP B 99 -20.31 -13.62 10.60
N ALA B 100 -20.16 -14.94 10.77
CA ALA B 100 -21.29 -15.85 10.64
C ALA B 100 -21.40 -16.67 11.92
N LYS B 101 -22.63 -17.02 12.26
CA LYS B 101 -22.95 -17.82 13.44
C LYS B 101 -23.67 -19.08 13.02
N ILE B 102 -23.49 -20.14 13.83
CA ILE B 102 -24.25 -21.37 13.66
C ILE B 102 -24.49 -21.97 15.04
N GLN B 103 -25.62 -22.68 15.18
CA GLN B 103 -25.95 -23.34 16.44
C GLN B 103 -25.33 -24.73 16.48
N VAL B 104 -24.93 -25.14 17.68
CA VAL B 104 -24.32 -26.45 17.90
C VAL B 104 -25.06 -27.13 19.01
N MET B 105 -25.03 -28.46 18.99
CA MET B 105 -25.69 -29.27 20.00
C MET B 105 -24.72 -30.32 20.49
N PHE B 106 -24.56 -30.40 21.81
CA PHE B 106 -23.74 -31.44 22.42
C PHE B 106 -24.66 -32.42 23.11
N ASN B 107 -24.30 -33.70 23.06
CA ASN B 107 -25.08 -34.75 23.70
C ASN B 107 -24.14 -35.63 24.51
N ARG B 108 -24.59 -35.97 25.72
CA ARG B 108 -23.84 -36.78 26.67
C ARG B 108 -23.28 -38.05 26.04
N ASP B 109 -24.06 -38.71 25.17
CA ASP B 109 -23.65 -39.98 24.59
C ASP B 109 -23.03 -39.85 23.21
N PHE B 110 -23.33 -38.79 22.47
CA PHE B 110 -22.86 -38.61 21.11
C PHE B 110 -21.53 -37.86 21.03
N SER B 111 -21.32 -36.86 21.88
CA SER B 111 -20.22 -35.90 21.71
C SER B 111 -18.98 -36.32 22.49
N ALA B 112 -17.84 -36.22 21.83
CA ALA B 112 -16.56 -36.48 22.47
C ALA B 112 -15.73 -35.21 22.49
N VAL B 113 -14.81 -35.14 23.45
CA VAL B 113 -13.83 -34.06 23.52
C VAL B 113 -12.51 -34.61 23.01
N ALA B 114 -11.92 -33.94 22.01
CA ALA B 114 -10.67 -34.41 21.45
C ALA B 114 -9.58 -34.42 22.52
N GLY B 115 -8.91 -35.55 22.68
CA GLY B 115 -7.88 -35.70 23.68
C GLY B 115 -8.35 -36.21 25.02
N LEU B 116 -9.65 -36.17 25.30
CA LEU B 116 -10.18 -36.60 26.59
C LEU B 116 -10.36 -38.12 26.57
N ALA B 117 -9.58 -38.83 27.36
CA ALA B 117 -9.64 -40.28 27.34
C ALA B 117 -10.98 -40.78 27.90
N ALA B 118 -11.36 -41.98 27.47
CA ALA B 118 -12.56 -42.60 28.02
C ALA B 118 -12.41 -42.85 29.51
N ASP B 119 -11.20 -43.18 29.96
CA ASP B 119 -10.98 -43.43 31.37
C ASP B 119 -10.53 -42.20 32.14
N ALA B 120 -10.67 -41.00 31.56
CA ALA B 120 -10.45 -39.79 32.32
C ALA B 120 -11.50 -39.67 33.42
N GLY B 121 -11.23 -38.77 34.36
CA GLY B 121 -12.14 -38.64 35.49
C GLY B 121 -13.42 -37.88 35.20
N ILE B 122 -13.51 -37.22 34.05
CA ILE B 122 -14.61 -36.32 33.77
C ILE B 122 -15.27 -36.77 32.46
N SER B 123 -16.59 -36.64 32.39
CA SER B 123 -17.29 -36.98 31.16
C SER B 123 -17.09 -35.88 30.12
N PRO B 124 -17.28 -36.20 28.83
CA PRO B 124 -17.19 -35.14 27.81
C PRO B 124 -18.14 -33.99 28.05
N ILE B 125 -19.38 -34.30 28.43
CA ILE B 125 -20.35 -33.25 28.57
C ILE B 125 -20.04 -32.39 29.80
N LYS B 126 -19.44 -32.98 30.83
CA LYS B 126 -19.01 -32.18 31.97
C LYS B 126 -17.73 -31.43 31.67
N PHE B 127 -16.83 -32.02 30.88
CA PHE B 127 -15.67 -31.25 30.44
C PHE B 127 -16.12 -30.01 29.71
N ILE B 128 -17.08 -30.19 28.79
CA ILE B 128 -17.64 -29.07 28.04
C ILE B 128 -18.25 -28.05 29.00
N GLU B 129 -19.02 -28.51 29.98
CA GLU B 129 -19.64 -27.58 30.94
C GLU B 129 -18.61 -26.84 31.76
N LYS B 130 -17.60 -27.54 32.24
CA LYS B 130 -16.80 -27.04 33.35
C LYS B 130 -15.42 -26.55 32.97
N LYS B 131 -14.82 -27.08 31.90
CA LYS B 131 -13.48 -26.67 31.53
C LYS B 131 -13.46 -25.67 30.38
N LEU B 132 -14.52 -25.62 29.57
CA LEU B 132 -14.62 -24.63 28.51
C LEU B 132 -15.32 -23.39 29.03
N ASP B 133 -15.24 -22.29 28.27
CA ASP B 133 -15.87 -21.04 28.65
C ASP B 133 -16.32 -20.29 27.42
N LEU B 134 -17.31 -19.41 27.61
CA LEU B 134 -17.62 -18.40 26.60
C LEU B 134 -16.33 -17.66 26.21
N GLY B 135 -16.15 -17.42 24.92
CA GLY B 135 -14.94 -16.85 24.39
C GLY B 135 -13.93 -17.86 23.91
N ASP B 136 -14.00 -19.11 24.37
CA ASP B 136 -13.09 -20.13 23.86
C ASP B 136 -13.34 -20.39 22.37
N ILE B 137 -12.26 -20.73 21.68
CA ILE B 137 -12.30 -21.04 20.25
C ILE B 137 -12.26 -22.56 20.11
N LEU B 138 -13.27 -23.12 19.42
CA LEU B 138 -13.49 -24.55 19.34
C LEU B 138 -13.42 -24.99 17.88
N GLY B 139 -12.96 -26.23 17.68
CA GLY B 139 -13.10 -26.91 16.41
C GLY B 139 -14.25 -27.90 16.53
N LEU B 140 -15.16 -27.86 15.56
CA LEU B 140 -16.39 -28.65 15.64
C LEU B 140 -16.49 -29.57 14.43
N GLU B 141 -16.63 -30.86 14.70
CA GLU B 141 -16.88 -31.87 13.67
C GLU B 141 -18.17 -32.58 14.01
N GLY B 142 -19.15 -32.50 13.11
CA GLY B 142 -20.42 -33.11 13.43
C GLY B 142 -21.38 -33.07 12.26
N TYR B 143 -22.64 -33.35 12.57
CA TYR B 143 -23.66 -33.63 11.56
C TYR B 143 -24.73 -32.53 11.55
N LEU B 144 -25.08 -32.09 10.35
CA LEU B 144 -26.06 -31.02 10.18
C LEU B 144 -27.47 -31.53 10.43
N PHE B 145 -28.35 -30.62 10.84
CA PHE B 145 -29.78 -30.87 10.84
C PHE B 145 -30.49 -29.55 11.02
N PHE B 146 -31.80 -29.57 10.81
CA PHE B 146 -32.68 -28.42 11.03
C PHE B 146 -33.56 -28.69 12.24
N THR B 147 -33.63 -27.72 13.14
CA THR B 147 -34.69 -27.75 14.13
C THR B 147 -36.03 -27.48 13.44
N HIS B 148 -37.11 -27.81 14.14
CA HIS B 148 -38.42 -27.61 13.54
C HIS B 148 -38.73 -26.13 13.39
N SER B 149 -38.11 -25.29 14.21
CA SER B 149 -38.18 -23.85 13.98
C SER B 149 -37.33 -23.41 12.80
N GLY B 150 -36.51 -24.30 12.24
CA GLY B 150 -35.77 -24.00 11.04
C GLY B 150 -34.34 -23.57 11.24
N GLU B 151 -33.84 -23.59 12.47
CA GLU B 151 -32.46 -23.18 12.73
C GLU B 151 -31.50 -24.28 12.27
N LEU B 152 -30.63 -23.93 11.33
CA LEU B 152 -29.52 -24.81 10.97
C LEU B 152 -28.67 -25.12 12.21
N THR B 153 -28.45 -26.42 12.48
CA THR B 153 -27.75 -26.82 13.70
C THR B 153 -26.78 -27.96 13.39
N VAL B 154 -25.74 -28.06 14.21
CA VAL B 154 -24.76 -29.13 14.12
C VAL B 154 -24.79 -29.95 15.40
N LEU B 155 -25.06 -31.24 15.27
CA LEU B 155 -24.88 -32.19 16.36
C LEU B 155 -23.40 -32.54 16.43
N VAL B 156 -22.73 -32.21 17.53
CA VAL B 156 -21.28 -32.27 17.55
C VAL B 156 -20.83 -33.69 17.86
N GLU B 157 -20.03 -34.27 16.95
CA GLU B 157 -19.40 -35.56 17.19
C GLU B 157 -18.11 -35.40 17.99
N THR B 158 -17.26 -34.45 17.59
CA THR B 158 -16.06 -34.14 18.35
C THR B 158 -15.93 -32.62 18.45
N VAL B 159 -15.69 -32.12 19.67
CA VAL B 159 -15.29 -30.74 19.87
C VAL B 159 -13.82 -30.74 20.25
N THR B 160 -13.05 -29.90 19.57
CA THR B 160 -11.63 -29.73 19.84
C THR B 160 -11.43 -28.35 20.44
N LEU B 161 -10.71 -28.27 21.55
CA LEU B 161 -10.37 -26.98 22.11
C LEU B 161 -9.22 -26.38 21.31
N LEU B 162 -9.47 -25.25 20.65
CA LEU B 162 -8.42 -24.64 19.85
C LEU B 162 -7.73 -23.49 20.55
N CYS B 163 -8.39 -22.80 21.47
CA CYS B 163 -7.77 -21.71 22.22
C CYS B 163 -8.54 -21.51 23.51
N LYS B 164 -7.87 -21.69 24.65
CA LYS B 164 -8.52 -21.38 25.93
C LYS B 164 -8.39 -19.88 26.16
N SER B 165 -9.51 -19.16 26.03
CA SER B 165 -9.51 -17.72 26.30
C SER B 165 -9.41 -17.46 27.80
N LEU B 166 -8.68 -16.40 28.15
CA LEU B 166 -8.37 -16.13 29.55
C LEU B 166 -9.15 -14.96 30.13
N ILE B 167 -9.85 -14.19 29.30
CA ILE B 167 -10.78 -13.18 29.77
C ILE B 167 -12.13 -13.42 29.10
N SER B 168 -13.15 -12.81 29.68
CA SER B 168 -14.52 -12.97 29.21
CA SER B 168 -14.50 -13.01 29.18
C SER B 168 -14.70 -12.28 27.86
N LEU B 169 -15.83 -12.58 27.24
CA LEU B 169 -16.21 -11.88 26.03
C LEU B 169 -16.38 -10.41 26.37
N PRO B 170 -16.23 -9.51 25.39
CA PRO B 170 -16.57 -8.11 25.66
C PRO B 170 -18.07 -8.00 25.89
N ASP B 171 -18.48 -7.02 26.69
CA ASP B 171 -19.88 -6.63 26.69
C ASP B 171 -20.28 -6.35 25.25
N LYS B 172 -21.29 -7.07 24.75
CA LYS B 172 -21.64 -6.94 23.34
C LYS B 172 -22.12 -5.52 23.00
N HIS B 173 -22.83 -4.87 23.93
CA HIS B 173 -23.49 -3.60 23.68
C HIS B 173 -22.74 -2.53 24.46
N ALA B 174 -21.85 -1.86 23.76
CA ALA B 174 -20.89 -0.95 24.37
C ALA B 174 -21.55 0.36 24.74
N GLY B 175 -21.36 0.77 25.99
CA GLY B 175 -21.64 2.14 26.37
C GLY B 175 -20.57 3.07 25.79
N LEU B 176 -20.60 4.30 26.26
CA LEU B 176 -19.73 5.34 25.69
C LEU B 176 -18.27 5.10 26.05
N ALA B 177 -18.01 4.74 27.31
CA ALA B 177 -16.64 4.45 27.75
C ALA B 177 -16.08 3.25 27.00
N ASP B 178 -16.88 2.18 26.88
CA ASP B 178 -16.44 0.99 26.14
C ASP B 178 -16.16 1.32 24.69
N LYS B 179 -16.99 2.17 24.08
CA LYS B 179 -16.76 2.54 22.68
C LYS B 179 -15.41 3.26 22.54
N GLU B 180 -15.08 4.14 23.48
CA GLU B 180 -13.79 4.82 23.44
C GLU B 180 -12.64 3.84 23.59
N ILE B 181 -12.72 2.94 24.58
CA ILE B 181 -11.67 1.93 24.77
C ILE B 181 -11.45 1.11 23.49
N ARG B 182 -12.54 0.76 22.81
CA ARG B 182 -12.46 -0.16 21.68
C ARG B 182 -11.88 0.47 20.44
N TYR B 183 -11.69 1.80 20.43
CA TYR B 183 -10.88 2.39 19.37
C TYR B 183 -9.42 1.96 19.51
N ARG B 184 -8.98 1.62 20.72
CA ARG B 184 -7.69 0.98 20.89
C ARG B 184 -7.82 -0.54 20.84
N LYS B 185 -8.70 -1.09 21.67
CA LYS B 185 -8.89 -2.54 21.74
C LYS B 185 -9.91 -2.95 20.68
N ARG B 186 -9.51 -2.78 19.42
CA ARG B 186 -10.43 -2.92 18.30
C ARG B 186 -10.93 -4.35 18.15
N TRP B 187 -10.20 -5.34 18.68
CA TRP B 187 -10.67 -6.72 18.59
C TRP B 187 -11.99 -6.92 19.32
N ALA B 188 -12.26 -6.14 20.37
CA ALA B 188 -13.53 -6.24 21.09
C ALA B 188 -14.69 -5.67 20.25
N ASP B 189 -14.43 -4.62 19.48
CA ASP B 189 -15.40 -4.16 18.49
C ASP B 189 -15.70 -5.24 17.46
N LEU B 190 -14.64 -5.87 16.92
CA LEU B 190 -14.82 -6.82 15.81
C LEU B 190 -15.57 -8.08 16.27
N ILE B 191 -15.32 -8.55 17.49
CA ILE B 191 -16.08 -9.66 18.05
C ILE B 191 -17.53 -9.28 18.26
N SER B 192 -17.79 -8.06 18.72
CA SER B 192 -19.07 -7.70 19.28
C SER B 192 -20.07 -7.13 18.28
N SER B 193 -19.60 -6.52 17.20
CA SER B 193 -20.42 -5.58 16.44
C SER B 193 -20.46 -5.97 14.97
N GLU B 194 -21.63 -6.42 14.53
CA GLU B 194 -21.85 -6.66 13.11
C GLU B 194 -21.59 -5.41 12.29
N ASP B 195 -21.89 -4.24 12.84
CA ASP B 195 -21.81 -3.00 12.08
C ASP B 195 -20.36 -2.57 11.85
N VAL B 196 -19.52 -2.68 12.88
CA VAL B 196 -18.10 -2.41 12.68
C VAL B 196 -17.52 -3.39 11.68
N ARG B 197 -17.95 -4.66 11.74
CA ARG B 197 -17.46 -5.65 10.78
C ARG B 197 -17.81 -5.26 9.35
N LYS B 198 -19.08 -4.84 9.11
CA LYS B 198 -19.47 -4.46 7.76
C LYS B 198 -18.68 -3.24 7.29
N THR B 199 -18.51 -2.25 8.17
CA THR B 199 -17.78 -1.02 7.83
C THR B 199 -16.39 -1.33 7.29
N PHE B 200 -15.68 -2.25 7.93
CA PHE B 200 -14.32 -2.52 7.49
C PHE B 200 -14.28 -3.44 6.29
N LEU B 201 -15.28 -4.31 6.13
CA LEU B 201 -15.38 -5.10 4.90
C LEU B 201 -15.60 -4.18 3.70
N THR B 202 -16.54 -3.24 3.84
CA THR B 202 -16.80 -2.26 2.79
C THR B 202 -15.55 -1.45 2.47
N ARG B 203 -14.75 -1.11 3.48
CA ARG B 203 -13.53 -0.36 3.21
C ARG B 203 -12.62 -1.15 2.28
N SER B 204 -12.38 -2.41 2.64
CA SER B 204 -11.58 -3.29 1.77
C SER B 204 -12.18 -3.42 0.39
N ARG B 205 -13.50 -3.56 0.31
CA ARG B 205 -14.16 -3.60 -0.99
C ARG B 205 -13.89 -2.32 -1.77
N ILE B 206 -13.92 -1.16 -1.08
CA ILE B 206 -13.71 0.11 -1.77
C ILE B 206 -12.29 0.19 -2.31
N LEU B 207 -11.31 -0.30 -1.57
CA LEU B 207 -9.96 -0.24 -2.08
C LEU B 207 -9.82 -1.10 -3.34
N LYS B 208 -10.42 -2.29 -3.35
CA LYS B 208 -10.41 -3.12 -4.55
C LYS B 208 -11.12 -2.44 -5.72
N LEU B 209 -12.22 -1.74 -5.44
CA LEU B 209 -12.92 -1.06 -6.53
C LEU B 209 -12.08 0.05 -7.11
N ILE B 210 -11.32 0.75 -6.28
CA ILE B 210 -10.46 1.82 -6.80
C ILE B 210 -9.37 1.24 -7.68
N ARG B 211 -8.68 0.20 -7.20
CA ARG B 211 -7.64 -0.42 -8.02
C ARG B 211 -8.21 -0.95 -9.32
N GLU B 212 -9.39 -1.57 -9.28
CA GLU B 212 -9.98 -2.11 -10.50
C GLU B 212 -10.29 -1.01 -11.51
N TYR B 213 -10.88 0.09 -11.05
CA TYR B 213 -11.21 1.18 -11.96
C TYR B 213 -9.95 1.81 -12.55
N MET B 214 -8.95 2.08 -11.70
CA MET B 214 -7.72 2.69 -12.18
C MET B 214 -7.02 1.81 -13.20
N ASP B 215 -6.90 0.52 -12.89
CA ASP B 215 -6.22 -0.41 -13.77
C ASP B 215 -6.95 -0.59 -15.09
N GLN B 216 -8.29 -0.50 -15.09
CA GLN B 216 -9.04 -0.57 -16.34
C GLN B 216 -8.86 0.67 -17.19
N GLN B 217 -8.37 1.75 -16.60
CA GLN B 217 -7.95 2.94 -17.33
C GLN B 217 -6.48 2.93 -17.70
N SER B 218 -5.79 1.80 -17.51
CA SER B 218 -4.36 1.64 -17.81
C SER B 218 -3.47 2.56 -16.96
N PHE B 219 -3.94 3.00 -15.80
CA PHE B 219 -3.03 3.59 -14.83
C PHE B 219 -2.18 2.49 -14.20
N LEU B 220 -0.88 2.70 -14.17
CA LEU B 220 0.02 1.77 -13.50
C LEU B 220 0.17 2.17 -12.04
N GLU B 221 0.14 1.18 -11.15
CA GLU B 221 0.33 1.46 -9.72
C GLU B 221 1.81 1.37 -9.36
N VAL B 222 2.30 2.38 -8.61
CA VAL B 222 3.69 2.48 -8.22
C VAL B 222 3.78 2.72 -6.72
N GLU B 223 5.02 2.64 -6.21
CA GLU B 223 5.35 3.01 -4.85
C GLU B 223 6.52 4.00 -4.85
N THR B 224 6.43 5.00 -3.97
CA THR B 224 7.44 6.03 -3.87
C THR B 224 7.68 6.32 -2.39
N PRO B 225 8.82 6.89 -2.03
CA PRO B 225 9.27 6.86 -0.63
C PRO B 225 8.39 7.68 0.32
N ILE B 226 8.18 7.13 1.52
CA ILE B 226 7.57 7.92 2.57
C ILE B 226 8.62 8.81 3.24
N LEU B 227 9.82 8.30 3.47
CA LEU B 227 10.91 9.08 4.06
C LEU B 227 11.65 9.83 2.95
N GLN B 228 11.67 11.17 3.04
CA GLN B 228 12.35 12.01 2.06
C GLN B 228 13.18 13.07 2.76
N THR B 229 14.15 13.62 2.03
CA THR B 229 14.91 14.76 2.53
C THR B 229 14.14 16.07 2.41
N VAL B 230 13.07 16.10 1.62
CA VAL B 230 12.17 17.24 1.51
C VAL B 230 10.73 16.77 1.74
N TYR B 231 9.82 17.71 1.74
CA TYR B 231 8.40 17.44 1.77
C TYR B 231 7.71 18.53 0.98
N GLY B 232 6.59 18.19 0.36
CA GLY B 232 5.87 19.17 -0.41
C GLY B 232 4.67 18.55 -1.07
N GLY B 233 4.11 19.31 -2.01
CA GLY B 233 2.91 18.93 -2.71
C GLY B 233 1.64 19.24 -1.96
N ALA B 234 1.76 19.80 -0.76
CA ALA B 234 0.58 20.17 0.03
C ALA B 234 1.03 21.13 1.11
N GLU B 235 0.06 21.69 1.82
CA GLU B 235 0.32 22.65 2.89
C GLU B 235 0.07 21.95 4.22
N ALA B 236 1.15 21.58 4.91
CA ALA B 236 0.96 20.79 6.11
C ALA B 236 2.23 20.79 6.95
N THR B 237 2.03 20.73 8.26
CA THR B 237 3.13 20.51 9.18
C THR B 237 3.59 19.06 9.05
N PRO B 238 4.89 18.82 8.91
CA PRO B 238 5.38 17.46 8.68
C PRO B 238 5.80 16.77 9.98
N PHE B 239 5.94 15.45 9.86
CA PHE B 239 6.63 14.64 10.86
C PHE B 239 8.11 14.57 10.50
N VAL B 240 8.97 14.60 11.52
CA VAL B 240 10.41 14.57 11.32
C VAL B 240 10.97 13.36 12.05
N THR B 241 12.03 12.79 11.50
CA THR B 241 12.68 11.62 12.07
C THR B 241 14.13 11.60 11.63
N THR B 242 14.93 10.79 12.32
CA THR B 242 16.36 10.72 12.07
C THR B 242 16.72 9.37 11.47
N LEU B 243 17.47 9.38 10.35
CA LEU B 243 17.99 8.17 9.74
C LEU B 243 19.42 7.96 10.26
N GLN B 244 19.62 6.88 11.02
CA GLN B 244 20.88 6.70 11.73
C GLN B 244 22.05 6.42 10.81
N ALA B 245 21.82 5.72 9.70
CA ALA B 245 22.94 5.34 8.84
C ALA B 245 23.61 6.55 8.24
N LEU B 246 22.87 7.63 8.03
CA LEU B 246 23.39 8.83 7.40
C LEU B 246 23.41 10.02 8.32
N HIS B 247 22.97 9.86 9.56
CA HIS B 247 22.91 10.96 10.53
C HIS B 247 22.20 12.15 9.90
N ALA B 248 20.97 11.91 9.48
CA ALA B 248 20.23 12.83 8.64
C ALA B 248 18.79 12.95 9.11
N GLU B 249 18.30 14.17 9.14
CA GLU B 249 16.87 14.41 9.32
C GLU B 249 16.13 14.00 8.06
N MET B 250 14.99 13.31 8.25
CA MET B 250 14.09 12.97 7.17
C MET B 250 12.71 13.51 7.50
N PHE B 251 11.92 13.68 6.45
CA PHE B 251 10.53 14.04 6.59
C PHE B 251 9.69 12.90 6.05
N LEU B 252 8.60 12.63 6.74
CA LEU B 252 7.55 11.76 6.21
C LEU B 252 6.73 12.55 5.21
N ARG B 253 6.42 11.91 4.08
CA ARG B 253 5.74 12.61 3.01
C ARG B 253 4.40 13.16 3.49
N ILE B 254 4.05 14.34 3.00
CA ILE B 254 2.71 14.89 3.23
C ILE B 254 1.78 14.68 2.04
N SER B 255 2.32 14.22 0.90
CA SER B 255 1.53 13.97 -0.29
C SER B 255 2.36 13.09 -1.22
N LEU B 256 1.82 12.83 -2.41
CA LEU B 256 2.47 11.95 -3.38
C LEU B 256 2.96 12.70 -4.62
N GLU B 257 2.75 14.01 -4.69
CA GLU B 257 2.68 14.70 -5.98
C GLU B 257 4.04 14.76 -6.67
N ILE B 258 5.09 15.18 -5.96
CA ILE B 258 6.39 15.44 -6.58
C ILE B 258 7.01 14.15 -7.11
N ALA B 259 6.90 13.07 -6.34
CA ALA B 259 7.50 11.79 -6.76
C ALA B 259 6.82 11.26 -8.02
N LEU B 260 5.49 11.34 -8.05
CA LEU B 260 4.73 10.88 -9.20
C LEU B 260 5.03 11.72 -10.43
N LYS B 261 5.19 13.04 -10.27
CA LYS B 261 5.50 13.88 -11.43
C LYS B 261 6.85 13.53 -12.01
N LYS B 262 7.80 13.10 -11.18
CA LYS B 262 9.09 12.65 -11.70
C LYS B 262 8.93 11.40 -12.55
N LEU B 263 8.00 10.52 -12.17
CA LEU B 263 7.75 9.32 -12.98
C LEU B 263 7.11 9.69 -14.32
N LEU B 264 6.41 10.82 -14.40
CA LEU B 264 5.94 11.32 -15.70
C LEU B 264 7.12 11.76 -16.56
N VAL B 265 8.03 12.53 -15.98
CA VAL B 265 9.25 12.86 -16.71
C VAL B 265 9.97 11.59 -17.12
N GLY B 266 9.85 10.54 -16.31
CA GLY B 266 10.48 9.27 -16.61
C GLY B 266 9.87 8.51 -17.77
N GLY B 267 8.70 8.92 -18.26
CA GLY B 267 8.08 8.31 -19.42
C GLY B 267 6.79 7.58 -19.15
N MET B 268 6.42 7.34 -17.88
CA MET B 268 5.18 6.66 -17.60
C MET B 268 4.02 7.61 -17.82
N SER B 269 3.09 7.23 -18.70
CA SER B 269 2.04 8.18 -19.04
C SER B 269 0.87 8.16 -18.07
N ARG B 270 0.71 7.09 -17.29
CA ARG B 270 -0.43 6.99 -16.37
C ARG B 270 0.02 6.24 -15.12
N VAL B 271 0.16 6.97 -14.02
CA VAL B 271 0.57 6.36 -12.76
C VAL B 271 -0.41 6.77 -11.68
N TYR B 272 -0.50 5.93 -10.66
CA TYR B 272 -1.23 6.26 -9.44
C TYR B 272 -0.54 5.55 -8.30
N GLU B 273 -0.84 6.02 -7.10
CA GLU B 273 -0.30 5.40 -5.91
C GLU B 273 -1.37 5.55 -4.84
N ILE B 274 -1.55 4.49 -4.07
CA ILE B 274 -2.39 4.49 -2.88
C ILE B 274 -1.46 4.26 -1.71
N GLY B 275 -1.35 5.24 -0.84
CA GLY B 275 -0.46 5.07 0.30
C GLY B 275 -0.78 6.05 1.40
N LYS B 276 -0.12 5.81 2.52
CA LYS B 276 -0.21 6.68 3.68
C LYS B 276 0.57 7.97 3.46
N VAL B 277 -0.04 9.08 3.88
CA VAL B 277 0.65 10.35 4.02
C VAL B 277 0.43 10.83 5.46
N PHE B 278 1.26 11.78 5.88
CA PHE B 278 1.37 12.16 7.29
C PHE B 278 1.38 13.67 7.40
N ARG B 279 0.35 14.22 8.03
CA ARG B 279 0.26 15.65 8.27
C ARG B 279 0.16 15.85 9.77
N ASN B 280 1.15 16.55 10.34
CA ASN B 280 1.33 16.59 11.79
C ASN B 280 0.43 17.65 12.42
N GLU B 281 -0.87 17.43 12.29
CA GLU B 281 -1.88 18.41 12.64
C GLU B 281 -2.82 17.86 13.71
N GLY B 282 -3.92 18.57 13.93
CA GLY B 282 -4.87 18.20 14.96
C GLY B 282 -5.73 17.02 14.54
N ILE B 283 -6.43 16.45 15.53
CA ILE B 283 -7.19 15.21 15.40
C ILE B 283 -8.66 15.51 15.67
N ASP B 284 -9.54 15.07 14.78
CA ASP B 284 -10.99 15.25 14.99
C ASP B 284 -11.72 14.27 14.09
N ARG B 285 -13.03 14.50 13.93
CA ARG B 285 -13.90 13.58 13.19
C ARG B 285 -13.50 13.41 11.73
N THR B 286 -12.70 14.34 11.17
CA THR B 286 -12.25 14.21 9.79
C THR B 286 -10.73 14.30 9.66
N HIS B 287 -9.98 14.10 10.74
CA HIS B 287 -8.54 14.32 10.67
C HIS B 287 -7.86 13.29 11.55
N ASN B 288 -7.15 12.35 10.92
CA ASN B 288 -6.23 11.49 11.59
C ASN B 288 -4.86 11.81 11.01
N PRO B 289 -3.84 12.03 11.83
CA PRO B 289 -2.57 12.54 11.27
C PRO B 289 -1.96 11.59 10.26
N GLU B 290 -2.23 10.30 10.37
CA GLU B 290 -1.85 9.34 9.36
C GLU B 290 -3.11 8.97 8.59
N PHE B 291 -3.12 9.21 7.28
CA PHE B 291 -4.30 8.87 6.50
C PHE B 291 -3.89 8.36 5.12
N THR B 292 -4.87 7.78 4.42
CA THR B 292 -4.63 7.14 3.13
C THR B 292 -5.18 8.01 2.00
N MET B 293 -4.37 8.23 0.98
CA MET B 293 -4.83 8.96 -0.18
C MET B 293 -4.33 8.28 -1.44
N ILE B 294 -5.07 8.46 -2.52
CA ILE B 294 -4.62 8.11 -3.86
C ILE B 294 -4.27 9.40 -4.56
N GLU B 295 -3.13 9.41 -5.26
CA GLU B 295 -2.83 10.42 -6.27
C GLU B 295 -2.63 9.72 -7.60
N ALA B 296 -3.14 10.33 -8.66
CA ALA B 296 -3.10 9.72 -9.98
C ALA B 296 -2.80 10.80 -11.00
N TYR B 297 -1.92 10.48 -11.96
CA TYR B 297 -1.48 11.43 -12.98
C TYR B 297 -1.61 10.79 -14.36
N ALA B 298 -2.18 11.54 -15.30
CA ALA B 298 -2.34 11.08 -16.67
C ALA B 298 -1.76 12.14 -17.60
N ALA B 299 -0.70 11.77 -18.33
CA ALA B 299 -0.11 12.66 -19.32
C ALA B 299 -1.15 13.02 -20.38
N TYR B 300 -1.05 14.25 -20.90
CA TYR B 300 -1.86 14.76 -22.00
C TYR B 300 -3.31 15.01 -21.61
N TRP B 301 -3.68 14.81 -20.34
CA TRP B 301 -4.96 15.24 -19.80
C TRP B 301 -4.85 16.64 -19.20
N ASP B 302 -6.02 17.27 -18.98
CA ASP B 302 -6.12 18.52 -18.22
C ASP B 302 -7.13 18.34 -17.08
N TYR B 303 -7.40 19.43 -16.35
CA TYR B 303 -8.27 19.25 -15.18
C TYR B 303 -9.69 18.88 -15.58
N ASN B 304 -10.13 19.25 -16.79
CA ASN B 304 -11.43 18.80 -17.27
C ASN B 304 -11.46 17.28 -17.47
N ASP B 305 -10.42 16.71 -18.07
CA ASP B 305 -10.35 15.26 -18.17
C ASP B 305 -10.32 14.62 -16.79
N VAL B 306 -9.59 15.23 -15.86
CA VAL B 306 -9.48 14.71 -14.50
C VAL B 306 -10.84 14.76 -13.80
N MET B 307 -11.62 15.79 -14.11
CA MET B 307 -12.92 15.95 -13.46
C MET B 307 -13.86 14.80 -13.84
N LYS B 308 -13.92 14.47 -15.12
CA LYS B 308 -14.72 13.32 -15.56
C LYS B 308 -14.22 12.01 -14.92
N CYS B 309 -12.90 11.84 -14.83
CA CYS B 309 -12.34 10.63 -14.25
C CYS B 309 -12.73 10.47 -12.78
N VAL B 310 -12.64 11.55 -12.01
CA VAL B 310 -12.89 11.49 -10.57
C VAL B 310 -14.35 11.15 -10.28
N GLU B 311 -15.28 11.86 -10.91
CA GLU B 311 -16.70 11.60 -10.67
C GLU B 311 -17.11 10.23 -11.20
N ASN B 312 -16.54 9.78 -12.32
CA ASN B 312 -16.84 8.44 -12.81
C ASN B 312 -16.32 7.38 -11.86
N LEU B 313 -15.12 7.57 -11.31
CA LEU B 313 -14.58 6.64 -10.33
C LEU B 313 -15.52 6.48 -9.15
N VAL B 314 -16.01 7.61 -8.61
CA VAL B 314 -16.81 7.55 -7.39
C VAL B 314 -18.17 6.95 -7.70
N GLU B 315 -18.78 7.37 -8.82
CA GLU B 315 -20.06 6.79 -9.21
C GLU B 315 -19.96 5.28 -9.34
N TYR B 316 -18.86 4.81 -9.93
CA TYR B 316 -18.66 3.38 -10.12
C TYR B 316 -18.57 2.65 -8.77
N ILE B 317 -17.78 3.20 -7.84
CA ILE B 317 -17.71 2.63 -6.49
C ILE B 317 -19.09 2.58 -5.85
N VAL B 318 -19.82 3.69 -5.91
CA VAL B 318 -21.13 3.75 -5.28
C VAL B 318 -22.08 2.74 -5.92
N ARG B 319 -22.11 2.69 -7.26
CA ARG B 319 -23.00 1.73 -7.94
C ARG B 319 -22.65 0.29 -7.56
N ALA B 320 -21.36 -0.02 -7.43
CA ALA B 320 -20.96 -1.39 -7.10
C ALA B 320 -21.35 -1.76 -5.68
N LEU B 321 -21.38 -0.78 -4.77
CA LEU B 321 -21.72 -1.02 -3.39
C LEU B 321 -23.21 -0.98 -3.11
N ASN B 322 -24.02 -0.43 -4.02
CA ASN B 322 -25.42 -0.15 -3.71
C ASN B 322 -26.34 -0.65 -4.82
N ASN B 323 -26.04 -1.83 -5.36
CA ASN B 323 -26.89 -2.50 -6.35
C ASN B 323 -27.34 -1.56 -7.46
N GLY B 324 -26.37 -0.84 -8.03
CA GLY B 324 -26.65 0.06 -9.13
C GLY B 324 -27.06 1.47 -8.75
N GLU B 325 -27.43 1.72 -7.49
CA GLU B 325 -27.92 3.03 -7.07
C GLU B 325 -26.77 4.03 -6.92
N THR B 326 -27.08 5.30 -7.14
CA THR B 326 -26.08 6.36 -6.95
C THR B 326 -26.37 7.23 -5.74
N GLN B 327 -27.55 7.10 -5.15
CA GLN B 327 -27.90 7.86 -3.97
C GLN B 327 -27.42 7.11 -2.74
N VAL B 328 -26.91 7.86 -1.78
CA VAL B 328 -26.38 7.33 -0.54
C VAL B 328 -26.85 8.25 0.59
N GLN B 329 -27.19 7.66 1.73
CA GLN B 329 -27.63 8.44 2.90
C GLN B 329 -26.48 8.59 3.89
N TYR B 330 -26.33 9.80 4.43
CA TYR B 330 -25.34 10.08 5.47
C TYR B 330 -26.05 10.71 6.66
N SER B 331 -25.86 10.13 7.83
CA SER B 331 -26.75 10.37 8.95
C SER B 331 -26.25 11.39 9.96
N HIS B 332 -24.98 11.78 9.93
CA HIS B 332 -24.32 12.39 11.08
C HIS B 332 -23.98 13.87 10.89
N LEU B 333 -24.54 14.55 9.91
CA LEU B 333 -24.28 15.98 9.85
C LEU B 333 -25.09 16.69 10.93
N LYS B 334 -24.54 17.81 11.42
CA LYS B 334 -25.28 18.60 12.43
C LYS B 334 -26.65 19.02 11.91
N SER B 335 -26.79 19.17 10.59
CA SER B 335 -28.07 19.55 9.98
C SER B 335 -29.02 18.38 9.78
N GLY B 336 -28.68 17.19 10.26
CA GLY B 336 -29.55 16.04 10.14
C GLY B 336 -29.16 15.12 9.00
N PRO B 337 -29.85 14.00 8.86
CA PRO B 337 -29.55 13.07 7.76
C PRO B 337 -29.74 13.75 6.42
N GLN B 338 -28.87 13.39 5.47
CA GLN B 338 -28.95 13.87 4.11
C GLN B 338 -28.86 12.68 3.15
N VAL B 339 -29.44 12.84 1.97
CA VAL B 339 -29.24 11.92 0.87
C VAL B 339 -28.42 12.66 -0.18
N VAL B 340 -27.30 12.05 -0.60
CA VAL B 340 -26.46 12.63 -1.63
C VAL B 340 -26.41 11.69 -2.82
N ASP B 341 -26.47 12.28 -4.01
CA ASP B 341 -26.50 11.57 -5.27
C ASP B 341 -25.15 11.72 -5.96
N PHE B 342 -24.45 10.60 -6.16
CA PHE B 342 -23.13 10.63 -6.76
C PHE B 342 -23.16 10.43 -8.26
N LYS B 343 -24.34 10.44 -8.87
CA LYS B 343 -24.45 10.29 -10.32
C LYS B 343 -23.73 11.41 -11.05
N ALA B 344 -22.85 11.03 -11.98
CA ALA B 344 -22.14 12.01 -12.80
C ALA B 344 -23.10 12.58 -13.85
N PRO B 345 -22.88 13.82 -14.29
CA PRO B 345 -21.83 14.74 -13.82
C PRO B 345 -22.17 15.43 -12.53
N TRP B 346 -21.19 15.68 -11.67
CA TRP B 346 -21.45 16.46 -10.48
C TRP B 346 -21.62 17.93 -10.83
N ILE B 347 -22.21 18.66 -9.87
CA ILE B 347 -22.33 20.11 -9.99
C ILE B 347 -20.95 20.73 -10.19
N ARG B 348 -20.87 21.66 -11.13
CA ARG B 348 -19.59 22.29 -11.48
C ARG B 348 -19.75 23.82 -11.39
N MET B 349 -18.92 24.46 -10.59
CA MET B 349 -18.95 25.90 -10.38
C MET B 349 -17.53 26.42 -10.20
N THR B 350 -17.28 27.62 -10.72
CA THR B 350 -16.06 28.30 -10.29
C THR B 350 -16.17 28.68 -8.82
N MET B 351 -15.00 28.88 -8.19
CA MET B 351 -14.98 29.43 -6.84
C MET B 351 -15.78 30.71 -6.76
N LYS B 352 -15.63 31.58 -7.78
CA LYS B 352 -16.33 32.85 -7.76
C LYS B 352 -17.83 32.66 -7.80
N GLU B 353 -18.31 31.75 -8.66
CA GLU B 353 -19.75 31.48 -8.72
C GLU B 353 -20.27 30.91 -7.41
N SER B 354 -19.52 29.99 -6.79
CA SER B 354 -19.97 29.40 -5.54
C SER B 354 -20.06 30.44 -4.44
N ILE B 355 -19.16 31.42 -4.44
CA ILE B 355 -19.25 32.49 -3.46
C ILE B 355 -20.50 33.33 -3.69
N SER B 356 -20.80 33.63 -4.96
CA SER B 356 -22.04 34.32 -5.28
C SER B 356 -23.26 33.49 -4.90
N VAL B 357 -23.29 32.23 -5.30
CA VAL B 357 -24.48 31.39 -5.14
C VAL B 357 -24.74 31.08 -3.67
N TYR B 358 -23.69 30.71 -2.93
CA TYR B 358 -23.87 30.29 -1.55
C TYR B 358 -23.46 31.34 -0.53
N GLY B 359 -22.55 32.25 -0.88
CA GLY B 359 -22.13 33.24 0.07
C GLY B 359 -22.92 34.53 -0.05
N GLY B 360 -23.55 34.76 -1.19
CA GLY B 360 -24.25 35.99 -1.43
C GLY B 360 -23.38 37.17 -1.77
N VAL B 361 -22.11 36.93 -2.11
CA VAL B 361 -21.16 37.97 -2.46
C VAL B 361 -20.75 37.78 -3.91
N ASP B 362 -21.05 38.76 -4.75
CA ASP B 362 -20.55 38.83 -6.12
CA ASP B 362 -20.54 38.82 -6.12
C ASP B 362 -19.18 39.49 -6.06
N VAL B 363 -18.14 38.66 -5.97
CA VAL B 363 -16.81 39.12 -5.55
C VAL B 363 -16.27 40.24 -6.43
N ASP B 364 -16.51 40.17 -7.74
CA ASP B 364 -15.84 41.13 -8.61
C ASP B 364 -16.46 42.51 -8.56
N LEU B 365 -17.42 42.76 -7.68
CA LEU B 365 -17.98 44.09 -7.50
C LEU B 365 -17.30 44.86 -6.37
N HIS B 366 -16.44 44.21 -5.60
CA HIS B 366 -15.93 44.80 -4.38
C HIS B 366 -14.42 44.93 -4.46
N ALA B 367 -13.92 46.11 -4.12
CA ALA B 367 -12.49 46.32 -4.00
C ALA B 367 -11.94 45.46 -2.87
N ASP B 368 -10.62 45.31 -2.86
CA ASP B 368 -9.98 44.48 -1.86
C ASP B 368 -10.38 44.88 -0.44
N HIS B 369 -10.46 46.19 -0.19
CA HIS B 369 -10.82 46.67 1.16
C HIS B 369 -12.25 46.28 1.50
N GLU B 370 -13.16 46.31 0.54
CA GLU B 370 -14.52 45.83 0.80
C GLU B 370 -14.53 44.34 1.08
N LEU B 371 -13.66 43.57 0.41
CA LEU B 371 -13.63 42.13 0.70
C LEU B 371 -13.13 41.85 2.10
N ARG B 372 -12.21 42.68 2.62
CA ARG B 372 -11.79 42.56 4.02
C ARG B 372 -12.92 42.92 4.98
N LYS B 373 -13.70 43.95 4.66
CA LYS B 373 -14.80 44.31 5.56
C LYS B 373 -15.79 43.18 5.68
N ILE B 374 -16.08 42.50 4.56
CA ILE B 374 -16.95 41.32 4.59
C ILE B 374 -16.36 40.27 5.53
N LEU B 375 -15.08 39.92 5.33
CA LEU B 375 -14.47 38.93 6.19
C LEU B 375 -14.45 39.39 7.64
N GLU B 376 -14.14 40.67 7.88
CA GLU B 376 -14.07 41.19 9.24
C GLU B 376 -15.42 41.15 9.95
N THR B 377 -16.49 41.54 9.25
CA THR B 377 -17.80 41.64 9.89
C THR B 377 -18.67 40.40 9.73
N GLN B 378 -18.52 39.63 8.66
CA GLN B 378 -19.37 38.48 8.42
C GLN B 378 -18.72 37.15 8.78
N THR B 379 -17.50 37.17 9.33
CA THR B 379 -16.87 35.93 9.76
C THR B 379 -16.19 36.15 11.09
N SER B 380 -15.69 35.05 11.65
CA SER B 380 -14.94 35.05 12.90
C SER B 380 -13.45 34.85 12.66
N LEU B 381 -12.98 35.14 11.45
CA LEU B 381 -11.55 35.07 11.18
C LEU B 381 -10.80 36.13 11.98
N PRO B 382 -9.60 35.82 12.42
CA PRO B 382 -8.77 36.82 13.10
C PRO B 382 -8.20 37.83 12.11
N GLU B 383 -8.02 39.05 12.60
CA GLU B 383 -7.64 40.17 11.73
C GLU B 383 -6.35 39.87 10.96
N LYS B 384 -5.38 39.24 11.60
CA LYS B 384 -4.09 38.97 10.95
C LYS B 384 -4.23 38.13 9.69
N THR B 385 -5.32 37.35 9.56
CA THR B 385 -5.48 36.46 8.42
C THR B 385 -5.86 37.22 7.14
N TYR B 386 -6.56 38.34 7.26
CA TYR B 386 -7.00 39.04 6.06
C TYR B 386 -6.45 40.45 5.90
N VAL B 387 -5.91 41.06 6.96
CA VAL B 387 -5.55 42.49 6.93
C VAL B 387 -4.66 42.80 5.73
N HIS B 388 -3.71 41.92 5.40
CA HIS B 388 -2.78 42.13 4.32
C HIS B 388 -2.90 41.08 3.23
N ALA B 389 -3.99 40.33 3.21
CA ALA B 389 -4.16 39.28 2.22
C ALA B 389 -4.33 39.86 0.83
N SER B 390 -3.76 39.19 -0.18
CA SER B 390 -3.99 39.59 -1.56
C SER B 390 -5.44 39.32 -1.95
N ARG B 391 -5.85 39.96 -3.06
CA ARG B 391 -7.22 39.78 -3.54
C ARG B 391 -7.57 38.30 -3.68
N GLY B 392 -6.69 37.52 -4.32
CA GLY B 392 -6.95 36.10 -4.47
C GLY B 392 -7.06 35.36 -3.14
N GLU B 393 -6.16 35.66 -2.21
CA GLU B 393 -6.26 35.05 -0.89
C GLU B 393 -7.58 35.41 -0.22
N LEU B 394 -8.00 36.68 -0.35
CA LEU B 394 -9.30 37.10 0.19
C LEU B 394 -10.46 36.33 -0.42
N ILE B 395 -10.38 36.04 -1.72
CA ILE B 395 -11.44 35.29 -2.38
C ILE B 395 -11.49 33.87 -1.86
N ALA B 396 -10.33 33.22 -1.70
CA ALA B 396 -10.26 31.89 -1.10
C ALA B 396 -10.80 31.90 0.33
N LEU B 397 -10.47 32.93 1.12
CA LEU B 397 -10.99 33.05 2.48
C LEU B 397 -12.51 33.15 2.49
N LEU B 398 -13.06 33.98 1.60
CA LEU B 398 -14.51 34.06 1.45
C LEU B 398 -15.10 32.69 1.13
N PHE B 399 -14.42 31.91 0.31
CA PHE B 399 -14.92 30.57 0.00
C PHE B 399 -14.92 29.69 1.25
N ASP B 400 -13.80 29.67 1.98
CA ASP B 400 -13.69 28.86 3.19
C ASP B 400 -14.81 29.17 4.18
N GLU B 401 -15.07 30.45 4.41
CA GLU B 401 -15.98 30.84 5.49
C GLU B 401 -17.43 30.95 5.06
N LEU B 402 -17.71 31.21 3.79
CA LEU B 402 -19.08 31.41 3.36
C LEU B 402 -19.64 30.31 2.45
N VAL B 403 -18.81 29.35 1.98
CA VAL B 403 -19.24 28.38 0.98
C VAL B 403 -19.07 26.95 1.45
N CYS B 404 -17.88 26.61 1.99
CA CYS B 404 -17.47 25.21 2.08
C CYS B 404 -18.45 24.37 2.91
N ASP B 405 -18.93 24.91 4.03
CA ASP B 405 -19.88 24.19 4.87
C ASP B 405 -21.16 23.85 4.12
N LYS B 406 -21.49 24.64 3.11
CA LYS B 406 -22.77 24.52 2.45
C LYS B 406 -22.78 23.51 1.31
N LEU B 407 -21.62 22.97 0.92
CA LEU B 407 -21.54 22.06 -0.24
C LEU B 407 -21.80 20.64 0.23
N ILE B 408 -23.08 20.30 0.35
CA ILE B 408 -23.51 18.99 0.83
C ILE B 408 -23.53 17.97 -0.32
N ALA B 409 -24.22 18.31 -1.40
CA ALA B 409 -24.16 17.51 -2.62
C ALA B 409 -22.74 17.51 -3.17
N PRO B 410 -22.38 16.52 -3.99
CA PRO B 410 -21.06 16.55 -4.63
C PRO B 410 -20.91 17.78 -5.53
N HIS B 411 -19.83 18.54 -5.30
CA HIS B 411 -19.50 19.70 -6.12
C HIS B 411 -18.07 19.61 -6.60
N HIS B 412 -17.84 20.02 -7.84
CA HIS B 412 -16.52 20.39 -8.32
C HIS B 412 -16.46 21.92 -8.33
N ILE B 413 -15.54 22.48 -7.54
CA ILE B 413 -15.34 23.93 -7.47
C ILE B 413 -14.08 24.25 -8.24
N THR B 414 -14.22 25.02 -9.32
CA THR B 414 -13.12 25.22 -10.27
C THR B 414 -12.50 26.62 -10.15
N ASP B 415 -11.32 26.73 -10.76
CA ASP B 415 -10.70 28.01 -11.14
C ASP B 415 -10.40 28.88 -9.92
N HIS B 416 -9.50 28.36 -9.10
CA HIS B 416 -9.10 29.00 -7.87
C HIS B 416 -8.09 30.10 -8.12
N PRO B 417 -7.97 31.05 -7.19
CA PRO B 417 -6.90 32.04 -7.26
C PRO B 417 -5.51 31.41 -7.34
N LEU B 418 -4.61 32.10 -8.03
CA LEU B 418 -3.24 31.62 -8.19
C LEU B 418 -2.55 31.41 -6.84
N GLU B 419 -2.95 32.18 -5.83
CA GLU B 419 -2.28 32.10 -4.53
C GLU B 419 -2.50 30.75 -3.85
N THR B 420 -3.51 29.99 -4.25
CA THR B 420 -3.85 28.75 -3.54
C THR B 420 -2.86 27.61 -3.79
N THR B 421 -2.15 27.61 -4.93
CA THR B 421 -1.16 26.56 -5.19
C THR B 421 -0.09 27.05 -6.16
N PRO B 422 1.15 26.60 -6.00
CA PRO B 422 2.21 26.91 -6.97
C PRO B 422 2.41 25.87 -8.07
N LEU B 423 1.54 24.87 -8.21
CA LEU B 423 1.84 23.69 -9.02
C LEU B 423 0.85 23.50 -10.16
N CYS B 424 0.15 24.56 -10.54
CA CYS B 424 -0.99 24.48 -11.43
C CYS B 424 -0.87 25.56 -12.50
N LYS B 425 -1.24 25.21 -13.73
CA LYS B 425 -1.23 26.20 -14.81
C LYS B 425 -2.37 27.19 -14.62
N THR B 426 -2.11 28.43 -15.03
CA THR B 426 -3.16 29.44 -15.02
C THR B 426 -4.16 29.16 -16.15
N LEU B 427 -5.30 29.85 -16.11
CA LEU B 427 -6.38 29.56 -17.04
C LEU B 427 -5.90 29.74 -18.47
N ARG B 428 -6.16 28.72 -19.31
CA ARG B 428 -5.75 28.82 -20.70
C ARG B 428 -6.34 30.05 -21.40
N SER B 429 -7.40 30.64 -20.87
CA SER B 429 -7.95 31.85 -21.47
C SER B 429 -6.97 33.02 -21.39
N GLY B 430 -6.01 32.97 -20.47
CA GLY B 430 -5.04 34.03 -20.30
C GLY B 430 -5.20 34.79 -19.01
N ASP B 431 -6.29 34.56 -18.28
CA ASP B 431 -6.45 35.10 -16.94
C ASP B 431 -5.37 34.50 -16.03
N GLU B 432 -4.33 35.26 -15.76
CA GLU B 432 -3.22 34.71 -15.00
C GLU B 432 -3.44 34.78 -13.49
N THR B 433 -4.60 35.29 -13.04
CA THR B 433 -4.90 35.35 -11.62
C THR B 433 -5.60 34.09 -11.11
N LEU B 434 -5.97 33.18 -12.00
CA LEU B 434 -6.69 31.96 -11.63
C LEU B 434 -6.01 30.75 -12.26
N VAL B 435 -6.08 29.61 -11.56
CA VAL B 435 -5.47 28.39 -12.06
C VAL B 435 -6.55 27.39 -12.47
N GLU B 436 -6.15 26.48 -13.36
CA GLU B 436 -7.00 25.37 -13.81
C GLU B 436 -6.95 24.25 -12.75
N ARG B 437 -7.60 24.54 -11.64
CA ARG B 437 -7.68 23.65 -10.50
C ARG B 437 -9.15 23.42 -10.20
N PHE B 438 -9.47 22.23 -9.71
CA PHE B 438 -10.76 22.03 -9.07
C PHE B 438 -10.57 21.29 -7.75
N GLU B 439 -11.42 21.61 -6.79
CA GLU B 439 -11.57 20.82 -5.58
C GLU B 439 -12.99 20.28 -5.55
N SER B 440 -13.13 19.03 -5.13
CA SER B 440 -14.43 18.36 -5.05
C SER B 440 -14.90 18.32 -3.60
N PHE B 441 -16.16 18.67 -3.38
CA PHE B 441 -16.69 18.71 -2.03
C PHE B 441 -17.97 17.88 -1.94
N CYS B 442 -18.11 17.19 -0.82
CA CYS B 442 -19.33 16.47 -0.50
C CYS B 442 -19.52 16.50 1.01
N LEU B 443 -20.78 16.63 1.45
CA LEU B 443 -21.13 16.62 2.87
C LEU B 443 -20.32 17.66 3.66
N GLY B 444 -20.09 18.82 3.04
CA GLY B 444 -19.35 19.89 3.66
C GLY B 444 -17.87 19.63 3.83
N LYS B 445 -17.30 18.65 3.11
CA LYS B 445 -15.91 18.27 3.29
C LYS B 445 -15.22 18.16 1.94
N GLU B 446 -13.96 18.60 1.93
CA GLU B 446 -13.11 18.43 0.76
C GLU B 446 -12.82 16.95 0.54
N LEU B 447 -12.92 16.52 -0.70
CA LEU B 447 -12.69 15.14 -1.07
C LEU B 447 -11.58 14.95 -2.10
N CYS B 448 -11.36 15.93 -2.98
CA CYS B 448 -10.49 15.78 -4.12
C CYS B 448 -9.81 17.11 -4.42
N ASN B 449 -8.56 17.05 -4.87
CA ASN B 449 -7.79 18.20 -5.31
C ASN B 449 -7.12 17.84 -6.63
N ALA B 450 -7.26 18.69 -7.64
CA ALA B 450 -6.85 18.31 -8.98
C ALA B 450 -6.39 19.53 -9.80
N TYR B 451 -5.36 19.32 -10.64
CA TYR B 451 -4.75 20.38 -11.44
C TYR B 451 -4.60 19.98 -12.91
N SER B 452 -4.70 20.97 -13.80
CA SER B 452 -3.92 20.96 -15.04
C SER B 452 -2.48 21.26 -14.66
N GLU B 453 -1.62 20.26 -14.73
CA GLU B 453 -0.34 20.32 -14.03
C GLU B 453 0.63 21.30 -14.69
N LEU B 454 1.38 22.01 -13.86
CA LEU B 454 2.38 22.95 -14.34
C LEU B 454 3.64 22.21 -14.76
N ASN B 455 4.04 22.35 -16.04
CA ASN B 455 5.28 21.77 -16.52
C ASN B 455 6.21 22.80 -17.19
N ASP B 456 5.95 24.09 -17.03
CA ASP B 456 6.87 25.13 -17.46
C ASP B 456 7.91 25.31 -16.36
N PRO B 457 9.17 24.93 -16.59
CA PRO B 457 10.14 24.90 -15.49
C PRO B 457 10.50 26.29 -14.97
N LEU B 458 10.49 27.32 -15.82
CA LEU B 458 10.78 28.66 -15.33
C LEU B 458 9.60 29.21 -14.54
N GLN B 459 8.39 29.06 -15.08
CA GLN B 459 7.20 29.45 -14.32
C GLN B 459 7.12 28.69 -13.00
N GLN B 460 7.52 27.42 -12.99
CA GLN B 460 7.44 26.65 -11.76
C GLN B 460 8.40 27.21 -10.71
N ARG B 461 9.62 27.55 -11.12
CA ARG B 461 10.55 28.19 -10.19
C ARG B 461 10.01 29.52 -9.68
N LYS B 462 9.51 30.36 -10.59
CA LYS B 462 9.01 31.68 -10.18
C LYS B 462 7.95 31.54 -9.09
N LEU B 463 6.98 30.65 -9.30
CA LEU B 463 5.90 30.46 -8.32
C LEU B 463 6.41 29.93 -6.98
N LEU B 464 7.40 29.02 -7.02
CA LEU B 464 7.87 28.43 -5.77
C LEU B 464 8.72 29.42 -5.00
N GLU B 465 9.49 30.25 -5.71
CA GLU B 465 10.23 31.33 -5.04
C GLU B 465 9.27 32.36 -4.46
N GLU B 466 8.22 32.70 -5.21
CA GLU B 466 7.19 33.57 -4.66
C GLU B 466 6.60 32.97 -3.39
N GLN B 467 6.29 31.67 -3.41
CA GLN B 467 5.71 31.03 -2.23
C GLN B 467 6.68 31.02 -1.06
N MET B 468 7.98 30.89 -1.34
CA MET B 468 8.96 30.87 -0.25
C MET B 468 9.11 32.24 0.38
N ARG B 469 9.18 33.30 -0.42
CA ARG B 469 9.29 34.65 0.12
C ARG B 469 8.03 35.03 0.91
N LYS B 470 6.86 34.62 0.44
CA LYS B 470 5.64 34.91 1.20
C LYS B 470 5.62 34.14 2.52
N LYS B 471 5.94 32.84 2.47
CA LYS B 471 5.96 32.06 3.70
C LYS B 471 7.00 32.57 4.69
N ALA B 472 8.15 33.01 4.20
CA ALA B 472 9.23 33.43 5.10
C ALA B 472 8.85 34.62 5.95
N LEU B 473 7.79 35.35 5.58
CA LEU B 473 7.33 36.49 6.37
C LEU B 473 6.27 36.11 7.41
N ASN B 474 5.77 34.89 7.38
CA ASN B 474 4.86 34.46 8.42
C ASN B 474 5.63 33.73 9.50
N PRO B 475 5.57 34.18 10.76
CA PRO B 475 6.28 33.49 11.84
C PRO B 475 5.89 32.03 11.98
N ASP B 476 4.61 31.70 11.83
CA ASP B 476 4.16 30.33 12.05
C ASP B 476 4.33 29.45 10.84
N SER B 477 5.12 29.87 9.85
CA SER B 477 5.21 29.17 8.58
C SER B 477 6.44 28.28 8.52
N GLU B 478 6.28 27.14 7.86
CA GLU B 478 7.30 26.10 7.84
C GLU B 478 8.27 26.36 6.69
N TYR B 479 9.52 26.63 7.07
CA TYR B 479 10.61 26.90 6.12
C TYR B 479 11.00 25.62 5.39
N HIS B 480 10.28 25.32 4.28
CA HIS B 480 10.99 24.31 3.51
C HIS B 480 11.57 24.92 2.23
N PRO B 481 12.77 24.52 1.82
CA PRO B 481 13.44 25.17 0.69
C PRO B 481 12.98 24.62 -0.66
N ILE B 482 13.42 25.29 -1.72
CA ILE B 482 13.04 24.90 -3.07
C ILE B 482 13.58 23.51 -3.37
N ASP B 483 12.72 22.64 -3.90
CA ASP B 483 13.13 21.32 -4.34
C ASP B 483 13.80 21.44 -5.72
N GLU B 484 15.13 21.49 -5.75
CA GLU B 484 15.84 21.66 -7.02
C GLU B 484 15.82 20.40 -7.87
N GLU B 485 15.76 19.22 -7.24
CA GLU B 485 15.69 18.01 -8.06
C GLU B 485 14.39 17.96 -8.83
N PHE B 486 13.30 18.45 -8.24
CA PHE B 486 12.03 18.55 -8.95
C PHE B 486 12.15 19.50 -10.13
N LEU B 487 12.77 20.65 -9.92
CA LEU B 487 12.92 21.60 -11.01
C LEU B 487 13.79 21.04 -12.12
N GLU B 488 14.82 20.27 -11.76
CA GLU B 488 15.67 19.72 -12.82
C GLU B 488 14.89 18.72 -13.64
N ALA B 489 14.10 17.87 -13.00
CA ALA B 489 13.27 16.91 -13.71
C ALA B 489 12.30 17.60 -14.66
N LEU B 490 11.73 18.74 -14.24
CA LEU B 490 10.88 19.49 -15.16
C LEU B 490 11.68 20.02 -16.33
N CYS B 491 12.96 20.35 -16.11
CA CYS B 491 13.79 20.75 -17.23
C CYS B 491 14.04 19.59 -18.17
N GLN B 492 14.16 18.37 -17.65
CA GLN B 492 14.21 17.20 -18.52
C GLN B 492 12.93 17.12 -19.35
N GLY B 493 11.80 17.47 -18.74
CA GLY B 493 10.58 17.58 -19.50
C GLY B 493 9.44 16.74 -18.96
N MET B 494 8.43 17.40 -18.46
CA MET B 494 7.21 16.68 -18.11
C MET B 494 6.16 16.96 -19.16
N PRO B 495 5.50 15.94 -19.68
CA PRO B 495 4.38 16.19 -20.60
C PRO B 495 3.32 17.03 -19.91
N PRO B 496 2.43 17.66 -20.66
CA PRO B 496 1.22 18.17 -20.03
C PRO B 496 0.49 17.03 -19.35
N ALA B 497 -0.11 17.31 -18.21
CA ALA B 497 -0.74 16.24 -17.46
C ALA B 497 -1.87 16.81 -16.62
N GLY B 498 -2.81 15.92 -16.29
CA GLY B 498 -3.79 16.18 -15.26
C GLY B 498 -3.57 15.21 -14.11
N GLY B 499 -3.69 15.71 -12.89
CA GLY B 499 -3.52 14.87 -11.72
C GLY B 499 -4.65 15.12 -10.73
N PHE B 500 -4.85 14.14 -9.85
CA PHE B 500 -5.82 14.34 -8.79
C PHE B 500 -5.36 13.59 -7.55
N GLY B 501 -5.85 14.06 -6.42
CA GLY B 501 -5.72 13.34 -5.16
C GLY B 501 -7.08 13.22 -4.51
N ILE B 502 -7.30 12.08 -3.85
CA ILE B 502 -8.55 11.81 -3.16
C ILE B 502 -8.21 11.29 -1.76
N GLY B 503 -8.83 11.88 -0.73
CA GLY B 503 -8.73 11.36 0.62
C GLY B 503 -9.59 10.13 0.77
N ILE B 504 -8.95 8.96 0.81
CA ILE B 504 -9.71 7.72 0.73
C ILE B 504 -10.52 7.48 2.01
N ASP B 505 -9.94 7.77 3.18
CA ASP B 505 -10.68 7.57 4.43
C ASP B 505 -11.96 8.41 4.43
N ARG B 506 -11.88 9.65 3.95
CA ARG B 506 -13.08 10.48 3.89
C ARG B 506 -14.11 9.86 2.97
N LEU B 507 -13.67 9.32 1.83
CA LEU B 507 -14.59 8.67 0.90
C LEU B 507 -15.26 7.47 1.55
N VAL B 508 -14.46 6.62 2.21
CA VAL B 508 -15.02 5.48 2.95
C VAL B 508 -16.05 5.97 3.96
N MET B 509 -15.77 7.10 4.61
CA MET B 509 -16.72 7.65 5.59
C MET B 509 -18.06 7.97 4.94
N MET B 510 -18.02 8.53 3.74
CA MET B 510 -19.25 8.89 3.05
C MET B 510 -20.02 7.65 2.60
N LEU B 511 -19.32 6.58 2.26
CA LEU B 511 -19.99 5.43 1.67
C LEU B 511 -20.31 4.36 2.69
N THR B 512 -19.94 4.55 3.94
CA THR B 512 -20.28 3.61 5.00
C THR B 512 -21.07 4.26 6.12
N ASP B 513 -21.51 5.51 5.93
CA ASP B 513 -22.24 6.27 6.95
C ASP B 513 -21.47 6.25 8.27
N ALA B 514 -20.19 6.58 8.20
CA ALA B 514 -19.34 6.65 9.39
C ALA B 514 -19.37 8.05 9.93
N ALA B 515 -19.67 8.18 11.23
CA ALA B 515 -19.71 9.49 11.87
C ALA B 515 -18.33 10.12 11.96
N SER B 516 -17.28 9.33 12.12
CA SER B 516 -15.94 9.85 12.33
C SER B 516 -14.92 9.02 11.60
N ILE B 517 -13.79 9.65 11.27
CA ILE B 517 -12.71 8.92 10.61
C ILE B 517 -12.22 7.78 11.49
N ARG B 518 -12.46 7.84 12.80
CA ARG B 518 -12.04 6.77 13.69
C ARG B 518 -12.83 5.49 13.44
N ASP B 519 -14.00 5.59 12.83
CA ASP B 519 -14.84 4.44 12.53
C ASP B 519 -14.40 3.71 11.25
N VAL B 520 -13.47 4.27 10.48
CA VAL B 520 -12.98 3.63 9.26
C VAL B 520 -11.51 3.27 9.37
N LEU B 521 -10.90 3.46 10.55
CA LEU B 521 -9.52 3.07 10.81
C LEU B 521 -9.50 2.04 11.92
N PHE B 522 -8.84 0.90 11.65
CA PHE B 522 -8.79 -0.15 12.68
C PHE B 522 -8.22 0.38 13.98
N PHE B 523 -7.14 1.16 13.90
CA PHE B 523 -6.44 1.67 15.08
C PHE B 523 -6.13 3.17 14.92
N PRO B 524 -7.11 4.03 15.11
CA PRO B 524 -6.86 5.48 14.98
C PRO B 524 -5.97 6.01 16.10
N VAL B 525 -5.50 7.24 15.89
CA VAL B 525 -4.61 7.89 16.86
C VAL B 525 -5.42 8.25 18.09
N MET B 526 -4.97 7.76 19.25
CA MET B 526 -5.67 7.95 20.51
C MET B 526 -4.72 8.47 21.58
N ARG B 527 -5.26 9.19 22.55
CA ARG B 527 -4.46 9.76 23.63
C ARG B 527 -3.96 8.65 24.57
N ARG B 528 -2.76 8.87 25.11
CA ARG B 528 -2.11 7.90 26.01
C ARG B 528 -2.74 7.94 27.41
N ILE B 529 -2.70 6.79 28.07
CA ILE B 529 -3.29 6.66 29.41
C ILE B 529 -2.22 6.74 30.49
#